data_9KYO
#
_entry.id   9KYO
#
_cell.length_a   1.00
_cell.length_b   1.00
_cell.length_c   1.00
_cell.angle_alpha   90.00
_cell.angle_beta   90.00
_cell.angle_gamma   90.00
#
_symmetry.space_group_name_H-M   'P 1'
#
loop_
_entity.id
_entity.type
_entity.pdbx_description
1 polymer 'Heavy chain of 9D5 fab'
2 polymer 'Sodium- and chloride-dependent taurine transporter'
3 polymer 'Light chain of 9D5 fab'
4 non-polymer 'SODIUM ION'
5 non-polymer 'CHLORIDE ION'
6 non-polymer Taurocyamine
7 water water
#
loop_
_entity_poly.entity_id
_entity_poly.type
_entity_poly.pdbx_seq_one_letter_code
_entity_poly.pdbx_strand_id
1 'polypeptide(L)'
;EVQLVESGGGLVKPGGSLKLSCAASGFTFSSYAMSWVRQSPEKRLEWVAEISSGGRYIYYSDTVTGRFTISRDNARNILH
LEMSSLRSEDTAMYYCARGEVRQRGFDYWGQGTTLTVS
;
H
2 'polypeptide(L)'
;MATKEKLQCLKDFHKDILKPSPGKSPGTRPEDEADGKPPQREKWSSKIDFVLSVAGGFVGLGNVWRFPYLCYKNGGGAFL
IPYFIFLFGSGLPVFFLEVIIGQYTSEGGITCWEKICPLFSGIGYASIVIVSLLNVYYIVILAWATYYLFHSFQKDLPWA
HCNHSWNTPQCMEDTLRRNESHWVSLSTANFTSPVIEFWERNVLSLSSGIDNPGSLKWDLALCLLLVWLVCFFCIWKGVR
STGKVVYFTATFPFAMLLVLLVRGLTLPGAGEGIKFYLYPDISRLGDPQVWIDAGTQIFFSYAICLGAMTSLGSYNKYKY
NSYRDCMLLGCLNSGTSFVSGFAIFSILGFMAQEQGVDIADVAESGPGLAFIAYPKAVTMMPLPTFWSILFFIMLLLLGL
DSQFVEVEGQITSLVDLYPSFLRKGYRREIFIAILCSISYLLGLTMVTEGGMYVFQLFDYYAASGVCLLWVAFFECFVIA
WIYGVNRFSEDIRDMIGYRPGPWMKYSWAVITPALCVGCFVFSLVKYVPLTYNKVYRYPDWAIGLGWGLALSSMLCIPLV
IVILLCRTEGPLRVRIKYLITPREPNRWAVEREGATPFHSRVTLMNGALMKPSHVIVETMM
;
A
3 'polypeptide(L)'
;ENVLTQSPAIMSTSPGEKVTMTCRASSSVGSSYLHWYQQKSGASPKLWIYSTSNLASGVPARFSGSGSGTSYSLTISSVE
AEDAATYYCQQFSGYPLTFGSGTKLEMK
;
L
#
# COMPACT_ATOMS: atom_id res chain seq x y z
N GLU A 1 0.31 -10.98 -34.34
CA GLU A 1 0.72 -9.74 -34.97
C GLU A 1 -0.32 -8.64 -34.78
N VAL A 2 0.07 -7.57 -34.09
CA VAL A 2 -0.83 -6.46 -33.84
C VAL A 2 -0.99 -5.65 -35.12
N GLN A 3 -2.23 -5.53 -35.59
CA GLN A 3 -2.53 -4.84 -36.84
C GLN A 3 -3.63 -3.82 -36.58
N LEU A 4 -3.43 -2.61 -37.08
CA LEU A 4 -4.42 -1.54 -36.98
C LEU A 4 -4.69 -1.03 -38.39
N VAL A 5 -5.88 -1.28 -38.90
CA VAL A 5 -6.27 -0.88 -40.25
C VAL A 5 -7.39 0.15 -40.13
N GLU A 6 -7.16 1.33 -40.69
CA GLU A 6 -8.14 2.40 -40.66
C GLU A 6 -8.85 2.50 -42.00
N SER A 7 -10.06 3.04 -41.97
CA SER A 7 -10.87 3.20 -43.17
C SER A 7 -11.86 4.33 -42.95
N GLY A 8 -12.48 4.76 -44.05
CA GLY A 8 -13.50 5.78 -43.97
C GLY A 8 -13.03 7.20 -44.23
N GLY A 9 -11.82 7.39 -44.73
CA GLY A 9 -11.32 8.71 -45.04
C GLY A 9 -11.62 9.10 -46.48
N GLY A 10 -11.97 10.36 -46.67
CA GLY A 10 -12.30 10.84 -48.00
C GLY A 10 -12.46 12.33 -48.02
N LEU A 11 -12.98 12.84 -49.13
CA LEU A 11 -13.20 14.27 -49.30
C LEU A 11 -14.60 14.62 -48.81
N VAL A 12 -14.67 15.58 -47.89
CA VAL A 12 -15.94 16.05 -47.36
C VAL A 12 -16.00 17.57 -47.50
N LYS A 13 -17.22 18.09 -47.52
CA LYS A 13 -17.43 19.52 -47.55
C LYS A 13 -17.09 20.13 -46.20
N PRO A 14 -16.75 21.42 -46.15
CA PRO A 14 -16.61 22.09 -44.86
C PRO A 14 -17.91 22.10 -44.08
N GLY A 15 -17.80 21.86 -42.78
CA GLY A 15 -18.97 21.73 -41.93
C GLY A 15 -19.67 20.38 -42.04
N GLY A 16 -19.11 19.43 -42.77
CA GLY A 16 -19.72 18.14 -42.95
C GLY A 16 -19.40 17.19 -41.82
N SER A 17 -19.58 15.90 -42.08
CA SER A 17 -19.36 14.87 -41.09
C SER A 17 -18.74 13.65 -41.75
N LEU A 18 -17.96 12.91 -40.97
CA LEU A 18 -17.34 11.69 -41.45
C LEU A 18 -17.06 10.78 -40.26
N LYS A 19 -17.01 9.47 -40.52
CA LYS A 19 -16.77 8.47 -39.50
C LYS A 19 -15.62 7.58 -39.93
N LEU A 20 -14.59 7.48 -39.09
CA LEU A 20 -13.46 6.59 -39.33
C LEU A 20 -13.66 5.28 -38.57
N SER A 21 -12.95 4.26 -39.02
CA SER A 21 -13.09 2.92 -38.44
C SER A 21 -11.70 2.26 -38.43
N CYS A 22 -11.04 2.34 -37.28
CA CYS A 22 -9.75 1.65 -37.09
C CYS A 22 -10.05 0.22 -36.70
N ALA A 23 -9.91 -0.70 -37.65
CA ALA A 23 -10.14 -2.12 -37.39
C ALA A 23 -8.90 -2.71 -36.75
N ALA A 24 -9.05 -3.20 -35.52
CA ALA A 24 -7.94 -3.74 -34.75
C ALA A 24 -7.94 -5.27 -34.82
N SER A 25 -6.76 -5.85 -34.96
CA SER A 25 -6.61 -7.29 -35.08
C SER A 25 -5.34 -7.73 -34.37
N GLY A 26 -5.32 -9.00 -33.97
CA GLY A 26 -4.15 -9.60 -33.40
C GLY A 26 -3.89 -9.29 -31.95
N PHE A 27 -4.77 -8.55 -31.28
CA PHE A 27 -4.60 -8.24 -29.87
C PHE A 27 -5.95 -8.03 -29.24
N THR A 28 -6.00 -8.17 -27.91
CA THR A 28 -7.23 -7.99 -27.14
C THR A 28 -7.53 -6.50 -27.07
N PHE A 29 -8.35 -6.02 -28.02
CA PHE A 29 -8.64 -4.60 -28.19
C PHE A 29 -9.33 -3.99 -26.97
N SER A 30 -10.03 -4.79 -26.17
CA SER A 30 -10.72 -4.29 -25.00
C SER A 30 -9.79 -4.02 -23.82
N SER A 31 -8.50 -4.36 -23.92
CA SER A 31 -7.56 -4.20 -22.82
C SER A 31 -6.62 -3.02 -23.01
N TYR A 32 -6.69 -2.31 -24.13
CA TYR A 32 -5.80 -1.18 -24.40
C TYR A 32 -6.56 0.07 -24.77
N ALA A 33 -6.13 1.19 -24.20
CA ALA A 33 -6.62 2.49 -24.61
C ALA A 33 -6.11 2.82 -26.00
N MET A 34 -6.97 3.42 -26.81
CA MET A 34 -6.65 3.73 -28.20
C MET A 34 -6.82 5.22 -28.44
N SER A 35 -5.96 5.78 -29.27
CA SER A 35 -5.98 7.19 -29.58
C SER A 35 -6.09 7.38 -31.09
N TRP A 36 -6.60 8.54 -31.47
CA TRP A 36 -6.58 9.01 -32.85
C TRP A 36 -5.56 10.14 -32.93
N VAL A 37 -4.56 9.98 -33.78
CA VAL A 37 -3.55 11.00 -34.01
C VAL A 37 -3.59 11.39 -35.48
N ARG A 38 -3.66 12.68 -35.74
CA ARG A 38 -3.72 13.18 -37.10
C ARG A 38 -2.42 13.90 -37.45
N GLN A 39 -2.05 13.82 -38.72
CA GLN A 39 -0.86 14.46 -39.24
C GLN A 39 -1.25 15.42 -40.34
N SER A 40 -0.94 16.70 -40.15
CA SER A 40 -1.24 17.72 -41.13
C SER A 40 -0.42 17.50 -42.40
N PRO A 41 -0.86 18.05 -43.54
CA PRO A 41 0.01 18.04 -44.73
C PRO A 41 1.32 18.79 -44.55
N GLU A 42 1.42 19.68 -43.56
CA GLU A 42 2.69 20.25 -43.14
C GLU A 42 3.50 19.30 -42.25
N LYS A 43 3.02 18.07 -42.06
CA LYS A 43 3.71 17.01 -41.32
C LYS A 43 3.97 17.40 -39.87
N ARG A 44 2.95 17.95 -39.22
CA ARG A 44 3.00 18.27 -37.80
C ARG A 44 2.00 17.36 -37.11
N LEU A 45 2.52 16.42 -36.31
CA LEU A 45 1.66 15.44 -35.65
C LEU A 45 0.85 16.10 -34.55
N GLU A 46 -0.45 15.83 -34.54
CA GLU A 46 -1.36 16.37 -33.54
C GLU A 46 -2.25 15.25 -33.03
N TRP A 47 -2.30 15.10 -31.70
CA TRP A 47 -3.17 14.11 -31.10
C TRP A 47 -4.59 14.63 -31.06
N VAL A 48 -5.55 13.78 -31.42
CA VAL A 48 -6.93 14.21 -31.57
C VAL A 48 -7.78 13.76 -30.39
N ALA A 49 -7.87 12.45 -30.17
CA ALA A 49 -8.84 11.92 -29.23
C ALA A 49 -8.36 10.59 -28.69
N GLU A 50 -8.42 10.43 -27.37
CA GLU A 50 -8.08 9.18 -26.71
C GLU A 50 -9.32 8.59 -26.06
N ILE A 51 -9.48 7.28 -26.20
CA ILE A 51 -10.51 6.54 -25.48
C ILE A 51 -9.83 5.46 -24.67
N SER A 52 -10.41 5.16 -23.51
CA SER A 52 -9.83 4.17 -22.60
C SER A 52 -10.21 2.77 -23.06
N SER A 53 -9.96 1.77 -22.21
CA SER A 53 -10.19 0.38 -22.59
C SER A 53 -11.67 0.05 -22.71
N GLY A 54 -12.47 0.56 -21.79
CA GLY A 54 -13.91 0.36 -21.81
C GLY A 54 -14.71 1.53 -22.32
N GLY A 55 -14.05 2.63 -22.67
CA GLY A 55 -14.74 3.81 -23.14
C GLY A 55 -15.21 4.76 -22.06
N ARG A 56 -14.89 4.48 -20.80
CA ARG A 56 -15.36 5.33 -19.72
C ARG A 56 -14.57 6.64 -19.62
N TYR A 57 -13.28 6.60 -19.94
CA TYR A 57 -12.45 7.80 -19.95
C TYR A 57 -12.14 8.18 -21.39
N ILE A 58 -12.63 9.35 -21.80
CA ILE A 58 -12.54 9.84 -23.17
C ILE A 58 -11.92 11.22 -23.13
N TYR A 59 -10.86 11.43 -23.90
CA TYR A 59 -10.15 12.70 -23.92
C TYR A 59 -10.12 13.25 -25.33
N TYR A 60 -10.08 14.57 -25.43
CA TYR A 60 -9.99 15.28 -26.70
C TYR A 60 -8.96 16.39 -26.58
N SER A 61 -8.39 16.77 -27.72
CA SER A 61 -7.60 17.98 -27.77
C SER A 61 -8.54 19.19 -27.83
N ASP A 62 -7.98 20.37 -27.58
CA ASP A 62 -8.78 21.59 -27.53
C ASP A 62 -9.32 21.99 -28.91
N THR A 63 -8.69 21.52 -29.99
CA THR A 63 -9.16 21.87 -31.31
C THR A 63 -10.43 21.10 -31.70
N VAL A 64 -10.64 19.92 -31.10
CA VAL A 64 -11.76 19.06 -31.45
C VAL A 64 -12.60 18.70 -30.22
N THR A 65 -12.55 19.54 -29.17
CA THR A 65 -13.13 19.17 -27.89
C THR A 65 -14.66 19.21 -27.87
N GLY A 66 -15.30 19.73 -28.91
CA GLY A 66 -16.74 19.81 -28.90
C GLY A 66 -17.42 19.26 -30.13
N ARG A 67 -16.62 18.83 -31.11
CA ARG A 67 -17.17 18.40 -32.38
C ARG A 67 -16.66 17.05 -32.86
N PHE A 68 -15.79 16.38 -32.10
CA PHE A 68 -15.31 15.06 -32.43
C PHE A 68 -15.77 14.09 -31.35
N THR A 69 -16.07 12.86 -31.76
CA THR A 69 -16.52 11.83 -30.82
C THR A 69 -15.83 10.53 -31.16
N ILE A 70 -15.08 9.99 -30.20
CA ILE A 70 -14.35 8.74 -30.36
C ILE A 70 -15.10 7.65 -29.62
N SER A 71 -15.24 6.48 -30.26
CA SER A 71 -15.97 5.38 -29.67
C SER A 71 -15.31 4.08 -30.09
N ARG A 72 -15.56 3.02 -29.31
CA ARG A 72 -15.06 1.70 -29.61
C ARG A 72 -16.21 0.74 -29.87
N ASP A 73 -15.84 -0.39 -30.47
CA ASP A 73 -16.74 -1.55 -30.62
C ASP A 73 -15.92 -2.74 -30.14
N ASN A 74 -15.90 -2.98 -28.82
CA ASN A 74 -15.05 -4.01 -28.25
C ASN A 74 -15.47 -5.42 -28.64
N ALA A 75 -16.73 -5.61 -29.03
CA ALA A 75 -17.18 -6.95 -29.41
C ALA A 75 -16.61 -7.35 -30.78
N ARG A 76 -16.59 -6.43 -31.73
CA ARG A 76 -16.09 -6.71 -33.07
C ARG A 76 -14.67 -6.19 -33.31
N ASN A 77 -14.14 -5.43 -32.35
CA ASN A 77 -12.76 -4.93 -32.30
C ASN A 77 -12.50 -3.89 -33.39
N ILE A 78 -13.30 -2.83 -33.39
CA ILE A 78 -13.10 -1.66 -34.26
C ILE A 78 -13.14 -0.40 -33.40
N LEU A 79 -12.13 0.46 -33.56
CA LEU A 79 -12.13 1.80 -33.01
C LEU A 79 -12.75 2.77 -34.01
N HIS A 80 -13.49 3.76 -33.50
CA HIS A 80 -14.22 4.70 -34.33
C HIS A 80 -13.87 6.13 -33.96
N LEU A 81 -14.08 7.03 -34.92
CA LEU A 81 -13.97 8.48 -34.68
C LEU A 81 -15.03 9.16 -35.54
N GLU A 82 -16.13 9.57 -34.91
CA GLU A 82 -17.19 10.28 -35.60
C GLU A 82 -16.92 11.79 -35.52
N MET A 83 -16.93 12.45 -36.67
CA MET A 83 -16.67 13.88 -36.75
C MET A 83 -17.94 14.63 -37.11
N SER A 84 -17.97 15.91 -36.75
CA SER A 84 -19.03 16.82 -37.15
C SER A 84 -18.46 18.22 -37.17
N SER A 85 -19.08 19.08 -37.97
CA SER A 85 -18.64 20.47 -38.19
C SER A 85 -17.19 20.53 -38.62
N LEU A 86 -16.85 19.73 -39.63
CA LEU A 86 -15.48 19.60 -40.10
C LEU A 86 -15.03 20.90 -40.77
N ARG A 87 -14.13 21.62 -40.11
CA ARG A 87 -13.66 22.90 -40.60
C ARG A 87 -12.48 22.70 -41.54
N SER A 88 -11.94 23.80 -42.05
CA SER A 88 -10.89 23.75 -43.07
C SER A 88 -9.59 23.18 -42.51
N GLU A 89 -9.24 23.54 -41.29
CA GLU A 89 -8.02 23.03 -40.66
C GLU A 89 -8.26 21.71 -39.93
N ASP A 90 -8.89 20.76 -40.64
CA ASP A 90 -9.01 19.38 -40.22
C ASP A 90 -8.50 18.43 -41.28
N THR A 91 -8.07 18.95 -42.44
CA THR A 91 -7.41 18.14 -43.46
C THR A 91 -6.12 17.58 -42.89
N ALA A 92 -6.07 16.26 -42.77
CA ALA A 92 -4.94 15.62 -42.10
C ALA A 92 -4.86 14.16 -42.50
N MET A 93 -3.85 13.49 -41.97
CA MET A 93 -3.54 12.11 -42.30
C MET A 93 -3.79 11.35 -41.00
N TYR A 94 -4.94 10.68 -40.90
CA TYR A 94 -5.42 10.19 -39.60
C TYR A 94 -4.90 8.80 -39.31
N TYR A 95 -4.24 8.64 -38.16
CA TYR A 95 -3.76 7.35 -37.67
C TYR A 95 -4.49 7.01 -36.38
N CYS A 96 -4.79 5.72 -36.21
CA CYS A 96 -5.18 5.22 -34.91
C CYS A 96 -3.93 4.62 -34.24
N ALA A 97 -3.76 4.92 -32.97
CA ALA A 97 -2.55 4.54 -32.26
C ALA A 97 -2.93 3.83 -30.97
N ARG A 98 -2.29 2.69 -30.72
CA ARG A 98 -2.58 1.87 -29.55
C ARG A 98 -1.74 2.37 -28.37
N GLY A 99 -2.22 3.43 -27.74
CA GLY A 99 -1.54 3.93 -26.57
C GLY A 99 -2.26 3.64 -25.28
N GLU A 100 -1.80 2.62 -24.55
CA GLU A 100 -2.43 2.19 -23.30
C GLU A 100 -1.53 2.42 -22.10
N VAL A 101 -0.30 1.94 -22.13
CA VAL A 101 0.67 2.24 -21.09
C VAL A 101 1.16 3.66 -21.32
N ARG A 102 1.00 4.52 -20.32
CA ARG A 102 1.43 5.91 -20.50
C ARG A 102 2.93 6.07 -20.43
N GLN A 103 3.63 5.11 -19.84
CA GLN A 103 5.08 5.13 -19.79
C GLN A 103 5.70 4.37 -20.94
N ARG A 104 4.88 3.99 -21.94
CA ARG A 104 5.36 3.37 -23.16
C ARG A 104 4.89 4.09 -24.42
N GLY A 105 3.78 4.81 -24.36
CA GLY A 105 3.33 5.59 -25.49
C GLY A 105 2.59 4.77 -26.52
N PHE A 106 2.41 5.38 -27.70
CA PHE A 106 1.78 4.70 -28.82
C PHE A 106 2.73 3.68 -29.42
N ASP A 107 2.74 2.45 -28.90
CA ASP A 107 3.73 1.49 -29.37
C ASP A 107 3.39 0.95 -30.75
N TYR A 108 2.11 0.82 -31.08
CA TYR A 108 1.69 0.37 -32.39
C TYR A 108 0.79 1.40 -33.03
N TRP A 109 1.13 1.79 -34.26
CA TRP A 109 0.33 2.70 -35.06
C TRP A 109 -0.34 1.93 -36.18
N GLY A 110 -1.27 2.59 -36.85
CA GLY A 110 -1.93 2.04 -38.01
C GLY A 110 -1.51 2.73 -39.29
N GLN A 111 -2.24 2.42 -40.35
CA GLN A 111 -2.09 3.11 -41.62
C GLN A 111 -2.82 4.46 -41.54
N GLY A 112 -3.04 5.09 -42.66
CA GLY A 112 -3.66 6.41 -42.68
C GLY A 112 -4.89 6.48 -43.55
N THR A 113 -5.84 7.33 -43.17
CA THR A 113 -6.96 7.73 -44.01
C THR A 113 -6.82 9.21 -44.31
N THR A 114 -6.72 9.55 -45.59
CA THR A 114 -6.54 10.93 -46.01
C THR A 114 -7.90 11.64 -45.93
N LEU A 115 -8.11 12.39 -44.85
CA LEU A 115 -9.28 13.24 -44.76
C LEU A 115 -8.95 14.59 -45.38
N THR A 116 -9.69 14.99 -46.40
CA THR A 116 -9.54 16.29 -47.04
C THR A 116 -10.86 17.05 -46.91
N VAL A 117 -10.77 18.31 -46.55
CA VAL A 117 -11.94 19.16 -46.36
C VAL A 117 -11.87 20.26 -47.43
N SER A 118 -12.81 20.23 -48.37
CA SER A 118 -12.85 21.20 -49.45
C SER A 118 -14.25 21.33 -50.04
N PRO B 38 -18.22 23.85 3.73
CA PRO B 38 -17.48 22.66 3.31
C PRO B 38 -16.27 22.98 2.43
N PRO B 39 -15.10 23.12 3.04
CA PRO B 39 -13.88 23.39 2.26
C PRO B 39 -13.50 22.21 1.39
N GLN B 40 -12.77 22.52 0.32
CA GLN B 40 -12.32 21.49 -0.62
C GLN B 40 -11.29 20.58 0.06
N ARG B 41 -11.33 19.29 -0.30
CA ARG B 41 -10.45 18.32 0.32
C ARG B 41 -9.00 18.54 -0.11
N GLU B 42 -8.11 18.61 0.87
CA GLU B 42 -6.71 18.88 0.61
C GLU B 42 -6.02 17.64 0.05
N LYS B 43 -4.95 17.88 -0.69
CA LYS B 43 -4.04 16.83 -1.13
C LYS B 43 -2.78 16.87 -0.28
N TRP B 44 -1.78 16.08 -0.66
CA TRP B 44 -0.56 15.99 0.14
C TRP B 44 0.33 17.23 0.01
N SER B 45 0.21 17.96 -1.09
CA SER B 45 1.02 19.12 -1.50
C SER B 45 2.47 18.75 -1.82
N SER B 46 2.87 17.50 -1.68
CA SER B 46 4.19 17.02 -2.08
C SER B 46 4.12 15.51 -2.22
N LYS B 47 4.98 14.96 -3.09
CA LYS B 47 4.98 13.53 -3.33
C LYS B 47 5.48 12.76 -2.10
N ILE B 48 6.49 13.29 -1.41
CA ILE B 48 7.11 12.58 -0.30
C ILE B 48 6.24 12.56 0.94
N ASP B 49 5.18 13.37 1.01
CA ASP B 49 4.30 13.35 2.17
C ASP B 49 3.50 12.05 2.23
N PHE B 50 3.21 11.45 1.08
CA PHE B 50 2.53 10.16 1.08
C PHE B 50 3.46 9.05 1.57
N VAL B 51 4.70 9.04 1.09
CA VAL B 51 5.65 7.99 1.43
C VAL B 51 6.01 8.04 2.91
N LEU B 52 6.22 9.23 3.46
CA LEU B 52 6.52 9.36 4.88
C LEU B 52 5.33 9.00 5.75
N SER B 53 4.11 9.27 5.29
CA SER B 53 2.93 8.89 6.04
C SER B 53 2.57 7.43 5.90
N VAL B 54 3.17 6.72 4.94
CA VAL B 54 2.99 5.29 4.79
C VAL B 54 4.15 4.51 5.40
N ALA B 55 5.39 5.01 5.23
CA ALA B 55 6.51 4.44 5.96
C ALA B 55 6.35 4.64 7.46
N GLY B 56 5.88 5.81 7.88
CA GLY B 56 5.45 5.96 9.25
C GLY B 56 4.10 5.36 9.54
N GLY B 57 3.40 4.88 8.51
CA GLY B 57 2.08 4.33 8.65
C GLY B 57 2.03 2.91 9.14
N PHE B 58 2.69 1.99 8.44
CA PHE B 58 2.64 0.60 8.88
C PHE B 58 4.00 -0.02 9.12
N VAL B 59 5.05 0.76 9.28
CA VAL B 59 6.28 0.26 9.85
C VAL B 59 6.24 0.67 11.31
N GLY B 60 5.88 -0.27 12.17
CA GLY B 60 5.67 0.02 13.56
C GLY B 60 5.86 -1.22 14.40
N LEU B 61 4.97 -1.43 15.36
CA LEU B 61 5.09 -2.55 16.27
C LEU B 61 4.65 -3.87 15.68
N GLY B 62 3.96 -3.86 14.55
CA GLY B 62 3.63 -5.11 13.89
C GLY B 62 4.77 -5.77 13.19
N ASN B 63 5.86 -5.06 12.96
CA ASN B 63 7.09 -5.61 12.41
C ASN B 63 8.08 -6.03 13.48
N VAL B 64 8.25 -5.19 14.50
CA VAL B 64 9.31 -5.38 15.49
C VAL B 64 8.80 -6.01 16.76
N TRP B 65 7.50 -6.11 16.96
CA TRP B 65 6.93 -6.66 18.18
C TRP B 65 6.02 -7.84 17.92
N ARG B 66 5.27 -7.85 16.83
CA ARG B 66 4.21 -8.85 16.68
C ARG B 66 4.57 -9.98 15.73
N PHE B 67 5.18 -9.66 14.59
CA PHE B 67 5.80 -10.69 13.77
C PHE B 67 6.77 -11.56 14.57
N PRO B 68 7.63 -11.01 15.51
CA PRO B 68 8.35 -11.89 16.44
C PRO B 68 7.53 -12.94 17.18
N TYR B 69 6.50 -12.57 17.96
CA TYR B 69 5.91 -13.63 18.76
C TYR B 69 4.92 -14.46 17.97
N LEU B 70 4.38 -13.93 16.87
CA LEU B 70 3.54 -14.76 16.02
C LEU B 70 4.38 -15.81 15.30
N CYS B 71 5.61 -15.45 14.91
CA CYS B 71 6.53 -16.42 14.38
C CYS B 71 6.97 -17.40 15.46
N TYR B 72 7.24 -16.90 16.67
CA TYR B 72 7.72 -17.71 17.77
C TYR B 72 6.66 -18.69 18.26
N LYS B 73 5.41 -18.24 18.33
CA LYS B 73 4.30 -19.06 18.79
C LYS B 73 3.98 -20.18 17.81
N ASN B 74 4.31 -19.99 16.53
CA ASN B 74 4.02 -20.95 15.47
C ASN B 74 5.26 -21.70 15.01
N GLY B 75 6.24 -21.86 15.89
CA GLY B 75 7.39 -22.69 15.61
C GLY B 75 8.49 -22.05 14.79
N GLY B 76 8.35 -20.78 14.41
CA GLY B 76 9.40 -20.09 13.70
C GLY B 76 9.43 -20.34 12.20
N GLY B 77 9.95 -21.49 11.79
CA GLY B 77 10.14 -21.74 10.37
C GLY B 77 8.84 -21.91 9.62
N ALA B 78 7.86 -22.57 10.24
CA ALA B 78 6.59 -22.82 9.59
C ALA B 78 5.77 -21.55 9.40
N PHE B 79 6.08 -20.50 10.14
CA PHE B 79 5.32 -19.26 10.04
C PHE B 79 5.61 -18.51 8.74
N LEU B 80 6.81 -18.68 8.20
CA LEU B 80 7.23 -17.85 7.06
C LEU B 80 6.59 -18.27 5.75
N ILE B 81 6.21 -19.55 5.62
CA ILE B 81 5.58 -20.00 4.37
C ILE B 81 4.22 -19.33 4.13
N PRO B 82 3.23 -19.37 5.06
CA PRO B 82 2.02 -18.59 4.82
C PRO B 82 2.23 -17.11 4.90
N TYR B 83 3.28 -16.67 5.60
CA TYR B 83 3.62 -15.25 5.64
C TYR B 83 3.94 -14.73 4.25
N PHE B 84 4.84 -15.40 3.55
CA PHE B 84 5.21 -14.94 2.22
C PHE B 84 4.13 -15.27 1.18
N ILE B 85 3.36 -16.34 1.40
CA ILE B 85 2.24 -16.64 0.52
C ILE B 85 1.20 -15.52 0.57
N PHE B 86 0.81 -15.11 1.77
CA PHE B 86 -0.12 -14.00 1.92
C PHE B 86 0.51 -12.67 1.54
N LEU B 87 1.83 -12.55 1.66
CA LEU B 87 2.51 -11.32 1.27
C LEU B 87 2.45 -11.12 -0.24
N PHE B 88 2.80 -12.14 -1.00
CA PHE B 88 2.88 -12.01 -2.44
C PHE B 88 1.61 -12.41 -3.16
N GLY B 89 0.58 -12.82 -2.43
CA GLY B 89 -0.70 -13.05 -3.09
C GLY B 89 -1.79 -12.15 -2.56
N SER B 90 -1.63 -11.64 -1.36
CA SER B 90 -2.68 -10.86 -0.70
C SER B 90 -2.19 -9.59 -0.02
N GLY B 91 -0.92 -9.48 0.36
CA GLY B 91 -0.50 -8.32 1.10
C GLY B 91 -0.30 -7.05 0.30
N LEU B 92 0.71 -7.07 -0.57
CA LEU B 92 0.89 -5.99 -1.54
C LEU B 92 -0.31 -5.82 -2.47
N PRO B 93 -1.00 -6.87 -2.96
CA PRO B 93 -2.28 -6.64 -3.67
C PRO B 93 -3.30 -5.80 -2.93
N VAL B 94 -3.71 -6.17 -1.71
CA VAL B 94 -4.71 -5.39 -1.00
C VAL B 94 -4.12 -4.05 -0.54
N PHE B 95 -2.80 -3.96 -0.37
CA PHE B 95 -2.18 -2.68 -0.04
C PHE B 95 -2.33 -1.69 -1.18
N PHE B 96 -1.94 -2.09 -2.40
CA PHE B 96 -2.17 -1.25 -3.55
C PHE B 96 -3.66 -1.04 -3.79
N LEU B 97 -4.49 -2.02 -3.45
CA LEU B 97 -5.93 -1.93 -3.65
C LEU B 97 -6.54 -0.80 -2.83
N GLU B 98 -6.28 -0.76 -1.51
CA GLU B 98 -6.87 0.34 -0.75
C GLU B 98 -6.22 1.67 -1.05
N VAL B 99 -4.91 1.70 -1.33
CA VAL B 99 -4.28 2.97 -1.69
C VAL B 99 -4.88 3.52 -2.98
N ILE B 100 -5.15 2.65 -3.95
CA ILE B 100 -5.62 3.15 -5.23
C ILE B 100 -7.13 3.38 -5.20
N ILE B 101 -7.84 2.73 -4.27
CA ILE B 101 -9.24 3.07 -4.03
C ILE B 101 -9.35 4.46 -3.40
N GLY B 102 -8.43 4.78 -2.48
CA GLY B 102 -8.38 6.13 -1.96
C GLY B 102 -7.98 7.15 -3.00
N GLN B 103 -7.06 6.79 -3.89
CA GLN B 103 -6.63 7.73 -4.93
C GLN B 103 -7.72 7.97 -5.97
N TYR B 104 -8.43 6.91 -6.37
CA TYR B 104 -9.52 7.00 -7.33
C TYR B 104 -10.66 7.83 -6.77
N THR B 105 -11.30 7.30 -5.74
CA THR B 105 -12.36 8.01 -5.02
C THR B 105 -11.68 8.82 -3.92
N SER B 106 -11.59 10.13 -4.10
CA SER B 106 -10.88 10.97 -3.14
C SER B 106 -11.67 11.08 -1.84
N GLU B 107 -11.79 9.96 -1.14
CA GLU B 107 -12.56 9.81 0.08
C GLU B 107 -11.82 8.81 0.95
N GLY B 108 -12.09 8.84 2.25
CA GLY B 108 -11.38 8.02 3.21
C GLY B 108 -12.28 6.94 3.80
N GLY B 109 -11.82 5.69 3.68
CA GLY B 109 -12.31 4.60 4.49
C GLY B 109 -13.72 4.12 4.20
N ILE B 110 -14.71 4.93 4.55
CA ILE B 110 -16.11 4.54 4.44
C ILE B 110 -16.73 5.05 3.14
N THR B 111 -16.64 6.36 2.92
CA THR B 111 -17.23 7.01 1.76
C THR B 111 -16.48 6.74 0.46
N CYS B 112 -15.35 6.03 0.53
CA CYS B 112 -14.68 5.60 -0.67
C CYS B 112 -15.49 4.57 -1.44
N TRP B 113 -16.37 3.83 -0.76
CA TRP B 113 -17.18 2.81 -1.40
C TRP B 113 -18.41 3.38 -2.08
N GLU B 114 -18.64 4.69 -1.99
CA GLU B 114 -19.76 5.31 -2.70
C GLU B 114 -19.59 5.27 -4.22
N LYS B 115 -18.36 5.10 -4.71
CA LYS B 115 -18.11 4.92 -6.13
C LYS B 115 -17.55 3.54 -6.44
N ILE B 116 -17.51 2.66 -5.45
CA ILE B 116 -16.97 1.30 -5.56
C ILE B 116 -18.04 0.30 -5.09
N CYS B 117 -19.27 0.41 -5.64
CA CYS B 117 -20.43 -0.40 -5.26
C CYS B 117 -20.88 -0.08 -3.84
N PRO B 118 -21.68 0.99 -3.68
CA PRO B 118 -22.14 1.40 -2.33
C PRO B 118 -22.98 0.38 -1.58
N LEU B 119 -23.40 -0.73 -2.19
CA LEU B 119 -24.05 -1.79 -1.44
C LEU B 119 -23.13 -2.34 -0.37
N PHE B 120 -21.87 -2.54 -0.71
CA PHE B 120 -20.85 -2.94 0.25
C PHE B 120 -20.11 -1.73 0.81
N SER B 121 -20.88 -0.75 1.30
CA SER B 121 -20.29 0.36 2.03
C SER B 121 -19.97 -0.01 3.47
N GLY B 122 -20.42 -1.18 3.93
CA GLY B 122 -20.11 -1.67 5.25
C GLY B 122 -18.72 -2.22 5.41
N ILE B 123 -17.99 -2.35 4.31
CA ILE B 123 -16.56 -2.64 4.39
C ILE B 123 -15.83 -1.49 5.08
N GLY B 124 -16.25 -0.25 4.79
CA GLY B 124 -15.66 0.89 5.45
C GLY B 124 -15.97 0.95 6.93
N TYR B 125 -17.22 0.67 7.32
CA TYR B 125 -17.58 0.65 8.73
C TYR B 125 -16.88 -0.49 9.47
N ALA B 126 -16.75 -1.64 8.80
CA ALA B 126 -15.96 -2.74 9.35
C ALA B 126 -14.52 -2.33 9.57
N SER B 127 -13.96 -1.58 8.62
CA SER B 127 -12.60 -1.09 8.74
C SER B 127 -12.45 -0.12 9.90
N ILE B 128 -13.45 0.73 10.13
CA ILE B 128 -13.38 1.68 11.24
C ILE B 128 -13.51 0.97 12.58
N VAL B 129 -14.34 -0.06 12.68
CA VAL B 129 -14.40 -0.84 13.92
C VAL B 129 -13.07 -1.54 14.18
N ILE B 130 -12.46 -2.10 13.13
CA ILE B 130 -11.15 -2.74 13.25
C ILE B 130 -10.10 -1.74 13.71
N VAL B 131 -10.08 -0.55 13.11
CA VAL B 131 -9.03 0.40 13.42
C VAL B 131 -9.26 1.05 14.79
N SER B 132 -10.51 1.12 15.26
CA SER B 132 -10.75 1.62 16.61
C SER B 132 -10.22 0.65 17.67
N LEU B 133 -10.58 -0.64 17.53
CA LEU B 133 -10.07 -1.64 18.47
C LEU B 133 -8.55 -1.77 18.38
N LEU B 134 -8.03 -1.59 17.16
CA LEU B 134 -6.59 -1.55 16.94
C LEU B 134 -5.93 -0.39 17.66
N ASN B 135 -6.55 0.79 17.60
CA ASN B 135 -5.96 1.95 18.27
C ASN B 135 -5.88 1.71 19.77
N VAL B 136 -6.92 1.10 20.34
CA VAL B 136 -6.92 0.76 21.76
C VAL B 136 -5.76 -0.18 22.12
N TYR B 137 -5.64 -1.31 21.42
CA TYR B 137 -4.62 -2.23 21.90
C TYR B 137 -3.20 -1.85 21.46
N TYR B 138 -3.06 -1.18 20.32
CA TYR B 138 -1.76 -0.67 19.90
C TYR B 138 -1.23 0.36 20.89
N ILE B 139 -2.11 1.25 21.37
CA ILE B 139 -1.65 2.23 22.33
C ILE B 139 -1.37 1.57 23.69
N VAL B 140 -1.98 0.42 23.98
CA VAL B 140 -1.59 -0.34 25.17
C VAL B 140 -0.15 -0.84 25.05
N ILE B 141 0.24 -1.27 23.84
CA ILE B 141 1.65 -1.67 23.61
C ILE B 141 2.58 -0.49 23.86
N LEU B 142 2.18 0.68 23.37
CA LEU B 142 3.00 1.88 23.58
C LEU B 142 3.08 2.26 25.06
N ALA B 143 2.01 1.99 25.82
CA ALA B 143 2.06 2.20 27.26
C ALA B 143 3.08 1.30 27.93
N TRP B 144 3.15 0.04 27.51
CA TRP B 144 4.18 -0.86 28.04
C TRP B 144 5.57 -0.39 27.70
N ALA B 145 5.77 0.08 26.45
CA ALA B 145 7.07 0.59 26.04
C ALA B 145 7.46 1.83 26.84
N THR B 146 6.49 2.69 27.14
CA THR B 146 6.76 3.89 27.92
C THR B 146 7.08 3.56 29.38
N TYR B 147 6.40 2.56 29.95
CA TYR B 147 6.74 2.11 31.30
C TYR B 147 8.14 1.54 31.35
N TYR B 148 8.55 0.79 30.32
CA TYR B 148 9.95 0.40 30.21
C TYR B 148 10.88 1.59 30.05
N LEU B 149 10.44 2.63 29.35
CA LEU B 149 11.32 3.79 29.11
C LEU B 149 11.60 4.55 30.40
N PHE B 150 10.57 4.78 31.21
CA PHE B 150 10.81 5.41 32.51
C PHE B 150 11.48 4.48 33.52
N HIS B 151 11.53 3.18 33.24
CA HIS B 151 12.33 2.26 34.02
C HIS B 151 13.68 1.99 33.38
N SER B 152 14.04 2.71 32.33
CA SER B 152 15.32 2.54 31.66
C SER B 152 16.38 3.52 32.14
N PHE B 153 16.01 4.55 32.88
CA PHE B 153 16.93 5.62 33.25
C PHE B 153 17.78 5.30 34.45
N GLN B 154 17.61 4.13 35.07
CA GLN B 154 18.46 3.76 36.18
C GLN B 154 19.84 3.34 35.67
N LYS B 155 20.82 3.36 36.59
CA LYS B 155 22.15 2.87 36.24
C LYS B 155 22.16 1.36 36.08
N ASP B 156 21.32 0.65 36.84
CA ASP B 156 21.13 -0.79 36.69
C ASP B 156 19.70 -1.04 36.22
N LEU B 157 19.57 -1.72 35.09
CA LEU B 157 18.26 -2.01 34.54
C LEU B 157 17.53 -3.01 35.44
N PRO B 158 16.23 -2.81 35.68
CA PRO B 158 15.52 -3.66 36.64
C PRO B 158 15.28 -5.07 36.14
N TRP B 159 15.37 -5.31 34.83
CA TRP B 159 15.26 -6.64 34.28
C TRP B 159 16.61 -7.31 34.11
N ALA B 160 17.71 -6.59 34.33
CA ALA B 160 19.04 -7.17 34.17
C ALA B 160 19.43 -8.08 35.33
N HIS B 161 18.73 -8.00 36.45
CA HIS B 161 19.03 -8.78 37.63
C HIS B 161 17.75 -8.87 38.46
N CYS B 162 17.69 -9.86 39.33
CA CYS B 162 16.42 -10.16 40.01
C CYS B 162 16.57 -10.17 41.53
N ASN B 163 17.29 -9.21 42.08
CA ASN B 163 17.22 -8.95 43.52
C ASN B 163 16.33 -7.74 43.80
N HIS B 164 15.06 -7.85 43.42
CA HIS B 164 14.09 -6.78 43.65
C HIS B 164 12.89 -7.34 44.40
N SER B 165 11.91 -6.46 44.64
CA SER B 165 10.73 -6.84 45.41
C SER B 165 9.77 -7.71 44.61
N TRP B 166 9.78 -7.60 43.29
CA TRP B 166 8.82 -8.31 42.45
C TRP B 166 9.30 -9.68 41.99
N ASN B 167 10.45 -10.14 42.48
CA ASN B 167 11.05 -11.37 41.97
C ASN B 167 10.71 -12.53 42.89
N THR B 168 10.32 -13.65 42.29
CA THR B 168 10.11 -14.88 43.03
C THR B 168 11.45 -15.41 43.52
N PRO B 169 11.47 -16.19 44.60
CA PRO B 169 12.73 -16.82 45.05
C PRO B 169 13.27 -17.89 44.10
N GLN B 170 12.53 -18.26 43.07
CA GLN B 170 13.00 -19.23 42.08
C GLN B 170 13.81 -18.59 40.96
N CYS B 171 14.41 -17.43 41.20
CA CYS B 171 15.13 -16.70 40.17
C CYS B 171 16.60 -16.51 40.55
N MET B 172 17.44 -16.49 39.53
CA MET B 172 18.78 -15.92 39.61
C MET B 172 19.15 -15.41 38.22
N GLU B 173 20.38 -14.91 38.11
CA GLU B 173 20.87 -14.35 36.87
C GLU B 173 20.93 -15.41 35.77
N ASP B 174 20.65 -14.99 34.53
CA ASP B 174 20.63 -15.92 33.40
C ASP B 174 22.02 -16.49 33.13
N THR B 175 23.07 -15.77 33.49
CA THR B 175 24.42 -16.30 33.38
C THR B 175 24.71 -17.39 34.40
N LEU B 176 23.89 -17.52 35.44
CA LEU B 176 24.08 -18.53 36.48
C LEU B 176 23.13 -19.71 36.34
N ARG B 177 22.34 -19.76 35.26
CA ARG B 177 21.34 -20.81 35.12
C ARG B 177 21.89 -22.10 34.54
N ARG B 178 23.17 -22.14 34.16
CA ARG B 178 23.80 -23.37 33.71
C ARG B 178 24.81 -23.89 34.72
N ASN B 179 24.74 -23.43 35.96
CA ASN B 179 25.63 -23.89 37.02
C ASN B 179 24.89 -24.32 38.28
N GLU B 180 23.56 -24.23 38.31
CA GLU B 180 22.77 -24.59 39.47
C GLU B 180 21.71 -25.60 39.06
N SER B 181 21.45 -26.56 39.93
CA SER B 181 20.47 -27.60 39.67
C SER B 181 19.05 -27.07 39.87
N ALA B 189 12.88 -27.02 34.88
CA ALA B 189 13.81 -26.82 35.99
C ALA B 189 13.25 -25.79 36.98
N ASN B 190 11.98 -25.42 36.77
CA ASN B 190 11.18 -24.46 37.53
C ASN B 190 11.94 -23.20 37.97
N PHE B 191 12.80 -22.69 37.09
CA PHE B 191 13.60 -21.49 37.33
C PHE B 191 13.21 -20.45 36.29
N THR B 192 13.13 -19.20 36.71
CA THR B 192 12.55 -18.18 35.85
C THR B 192 13.52 -17.00 35.73
N SER B 193 13.67 -16.49 34.51
CA SER B 193 14.62 -15.46 34.13
C SER B 193 14.22 -14.10 34.71
N PRO B 194 15.21 -13.24 35.04
CA PRO B 194 14.88 -11.90 35.55
C PRO B 194 14.11 -11.02 34.59
N VAL B 195 14.35 -11.12 33.28
CA VAL B 195 13.59 -10.32 32.32
C VAL B 195 12.14 -10.77 32.28
N ILE B 196 11.89 -12.07 32.37
CA ILE B 196 10.53 -12.60 32.33
C ILE B 196 9.78 -12.24 33.61
N GLU B 197 10.44 -12.33 34.76
CA GLU B 197 9.80 -11.90 36.01
C GLU B 197 9.56 -10.40 36.04
N PHE B 198 10.49 -9.60 35.50
CA PHE B 198 10.23 -8.17 35.41
C PHE B 198 9.01 -7.89 34.56
N TRP B 199 8.93 -8.55 33.40
CA TRP B 199 7.82 -8.32 32.47
C TRP B 199 6.48 -8.73 33.08
N GLU B 200 6.41 -9.91 33.69
CA GLU B 200 5.14 -10.39 34.21
C GLU B 200 4.83 -9.94 35.63
N ARG B 201 5.76 -9.32 36.35
CA ARG B 201 5.53 -9.02 37.75
C ARG B 201 5.79 -7.58 38.14
N ASN B 202 6.40 -6.75 37.29
CA ASN B 202 6.50 -5.33 37.53
C ASN B 202 5.85 -4.51 36.44
N VAL B 203 5.91 -4.97 35.20
CA VAL B 203 5.20 -4.28 34.12
C VAL B 203 3.76 -4.76 34.08
N LEU B 204 3.56 -6.05 33.80
CA LEU B 204 2.22 -6.59 33.74
C LEU B 204 1.59 -6.72 35.12
N SER B 205 2.39 -7.16 36.09
CA SER B 205 1.91 -7.69 37.36
C SER B 205 0.84 -8.75 37.12
N LEU B 206 1.23 -9.78 36.39
CA LEU B 206 0.28 -10.69 35.76
C LEU B 206 -0.53 -11.47 36.78
N SER B 207 -1.83 -11.57 36.53
CA SER B 207 -2.77 -12.21 37.43
C SER B 207 -3.01 -13.65 37.00
N SER B 208 -3.98 -14.29 37.65
CA SER B 208 -4.27 -15.70 37.38
C SER B 208 -5.05 -15.91 36.10
N GLY B 209 -5.67 -14.87 35.55
CA GLY B 209 -6.42 -15.02 34.32
C GLY B 209 -7.26 -13.81 34.04
N ILE B 210 -8.09 -13.94 32.99
CA ILE B 210 -9.05 -12.89 32.64
C ILE B 210 -10.22 -12.87 33.61
N ASP B 211 -10.43 -13.95 34.36
CA ASP B 211 -11.46 -13.94 35.41
C ASP B 211 -11.10 -13.02 36.55
N ASN B 212 -9.79 -12.76 36.75
CA ASN B 212 -9.29 -11.97 37.87
C ASN B 212 -8.55 -10.79 37.25
N PRO B 213 -9.24 -9.69 36.96
CA PRO B 213 -8.54 -8.51 36.41
C PRO B 213 -7.62 -7.84 37.41
N GLY B 214 -7.84 -8.00 38.70
CA GLY B 214 -7.03 -7.34 39.70
C GLY B 214 -7.30 -5.84 39.73
N SER B 215 -6.33 -5.10 40.24
CA SER B 215 -6.43 -3.65 40.37
C SER B 215 -5.86 -2.98 39.13
N LEU B 216 -6.35 -1.77 38.86
CA LEU B 216 -5.82 -0.97 37.77
C LEU B 216 -4.42 -0.49 38.12
N LYS B 217 -3.44 -0.86 37.31
CA LYS B 217 -2.06 -0.44 37.53
C LYS B 217 -1.94 1.06 37.25
N TRP B 218 -1.73 1.84 38.32
CA TRP B 218 -1.72 3.29 38.19
C TRP B 218 -0.50 3.76 37.41
N ASP B 219 0.62 3.04 37.54
CA ASP B 219 1.82 3.35 36.77
C ASP B 219 1.56 3.22 35.28
N LEU B 220 1.02 2.07 34.87
CA LEU B 220 0.72 1.86 33.46
C LEU B 220 -0.44 2.71 32.99
N ALA B 221 -1.42 3.00 33.85
CA ALA B 221 -2.50 3.89 33.47
C ALA B 221 -2.00 5.30 33.20
N LEU B 222 -1.08 5.78 34.03
CA LEU B 222 -0.45 7.08 33.78
C LEU B 222 0.41 7.05 32.52
N CYS B 223 1.12 5.94 32.28
CA CYS B 223 1.89 5.82 31.05
C CYS B 223 1.00 5.84 29.82
N LEU B 224 -0.13 5.12 29.87
CA LEU B 224 -1.10 5.12 28.78
C LEU B 224 -1.70 6.51 28.57
N LEU B 225 -1.97 7.23 29.66
CA LEU B 225 -2.51 8.57 29.54
C LEU B 225 -1.49 9.53 28.93
N LEU B 226 -0.20 9.37 29.29
CA LEU B 226 0.83 10.21 28.68
C LEU B 226 0.97 9.94 27.19
N VAL B 227 0.91 8.67 26.79
CA VAL B 227 1.02 8.35 25.37
C VAL B 227 -0.22 8.83 24.61
N TRP B 228 -1.40 8.79 25.24
CA TRP B 228 -2.57 9.36 24.59
C TRP B 228 -2.51 10.88 24.51
N LEU B 229 -1.87 11.53 25.48
CA LEU B 229 -1.65 12.97 25.35
C LEU B 229 -0.70 13.27 24.20
N VAL B 230 0.33 12.43 24.03
CA VAL B 230 1.24 12.60 22.90
C VAL B 230 0.51 12.39 21.57
N CYS B 231 -0.38 11.39 21.52
CA CYS B 231 -1.17 11.16 20.30
C CYS B 231 -2.14 12.29 20.02
N PHE B 232 -2.87 12.73 21.05
CA PHE B 232 -3.87 13.78 20.88
C PHE B 232 -3.23 15.10 20.49
N PHE B 233 -2.05 15.41 21.04
CA PHE B 233 -1.39 16.65 20.66
C PHE B 233 -0.61 16.53 19.35
N CYS B 234 -0.60 15.36 18.71
CA CYS B 234 -0.06 15.22 17.38
C CYS B 234 -1.13 15.11 16.30
N ILE B 235 -2.32 14.60 16.64
CA ILE B 235 -3.49 14.74 15.76
C ILE B 235 -4.06 16.15 15.86
N TRP B 236 -3.63 16.93 16.85
CA TRP B 236 -3.96 18.35 16.98
C TRP B 236 -3.22 19.21 15.96
N LYS B 237 -2.43 18.60 15.06
CA LYS B 237 -1.75 19.20 13.91
C LYS B 237 -0.63 20.16 14.27
N GLY B 238 -0.23 20.22 15.54
CA GLY B 238 0.92 21.02 15.90
C GLY B 238 2.25 20.32 15.70
N VAL B 239 2.24 18.98 15.75
CA VAL B 239 3.43 18.16 15.62
C VAL B 239 3.17 17.20 14.45
N ARG B 240 4.26 16.65 13.89
CA ARG B 240 4.39 15.72 12.78
C ARG B 240 4.21 16.39 11.43
N SER B 241 3.80 17.66 11.38
CA SER B 241 3.80 18.43 10.13
C SER B 241 5.03 19.33 10.07
N THR B 242 6.20 18.70 10.07
CA THR B 242 7.48 19.38 10.07
C THR B 242 8.41 18.76 9.04
N GLY B 243 9.58 19.35 8.88
CA GLY B 243 10.59 18.84 7.98
C GLY B 243 11.64 18.00 8.68
N LYS B 244 11.58 17.97 10.01
CA LYS B 244 12.47 17.15 10.81
C LYS B 244 11.89 15.77 11.09
N VAL B 245 10.82 15.39 10.39
CA VAL B 245 10.24 14.06 10.54
C VAL B 245 11.16 13.00 9.95
N VAL B 246 11.76 13.29 8.78
CA VAL B 246 12.53 12.30 8.04
C VAL B 246 13.79 11.88 8.79
N TYR B 247 14.33 12.75 9.64
CA TYR B 247 15.46 12.40 10.49
C TYR B 247 15.02 11.91 11.87
N PHE B 248 13.72 11.73 12.09
CA PHE B 248 13.21 11.28 13.37
C PHE B 248 12.14 10.21 13.25
N THR B 249 11.68 9.89 12.04
CA THR B 249 10.74 8.80 11.81
C THR B 249 11.32 7.72 10.92
N ALA B 250 11.88 8.08 9.77
CA ALA B 250 12.43 7.10 8.85
C ALA B 250 13.93 6.85 9.05
N THR B 251 14.56 7.54 9.98
CA THR B 251 16.01 7.44 10.16
C THR B 251 16.40 6.67 11.41
N PHE B 252 15.90 7.09 12.57
CA PHE B 252 16.38 6.51 13.82
C PHE B 252 15.83 5.12 14.14
N PRO B 253 14.54 4.79 13.92
CA PRO B 253 14.13 3.39 14.18
C PRO B 253 14.85 2.35 13.34
N PHE B 254 15.16 2.65 12.08
CA PHE B 254 15.87 1.68 11.28
C PHE B 254 17.35 1.58 11.67
N ALA B 255 17.93 2.68 12.12
CA ALA B 255 19.28 2.63 12.68
C ALA B 255 19.33 1.80 13.95
N MET B 256 18.33 1.97 14.83
CA MET B 256 18.29 1.18 16.06
C MET B 256 17.99 -0.28 15.78
N LEU B 257 17.17 -0.57 14.77
CA LEU B 257 16.95 -1.94 14.35
C LEU B 257 18.22 -2.55 13.78
N LEU B 258 19.02 -1.76 13.07
CA LEU B 258 20.32 -2.24 12.60
C LEU B 258 21.25 -2.55 13.76
N VAL B 259 21.26 -1.69 14.78
CA VAL B 259 22.10 -1.94 15.95
C VAL B 259 21.65 -3.20 16.69
N LEU B 260 20.34 -3.38 16.83
CA LEU B 260 19.80 -4.58 17.46
C LEU B 260 20.13 -5.83 16.66
N LEU B 261 20.07 -5.73 15.33
CA LEU B 261 20.44 -6.85 14.47
C LEU B 261 21.91 -7.20 14.62
N VAL B 262 22.77 -6.17 14.66
CA VAL B 262 24.20 -6.39 14.83
C VAL B 262 24.49 -7.04 16.18
N ARG B 263 23.79 -6.60 17.23
CA ARG B 263 23.99 -7.20 18.55
C ARG B 263 23.48 -8.64 18.60
N GLY B 264 22.30 -8.90 18.05
CA GLY B 264 21.74 -10.23 18.10
C GLY B 264 22.50 -11.25 17.29
N LEU B 265 22.98 -10.84 16.11
CA LEU B 265 23.66 -11.79 15.23
C LEU B 265 25.02 -12.21 15.77
N THR B 266 25.68 -11.35 16.54
CA THR B 266 26.98 -11.66 17.10
C THR B 266 26.91 -12.38 18.43
N LEU B 267 25.71 -12.63 18.95
CA LEU B 267 25.57 -13.36 20.20
C LEU B 267 25.91 -14.84 19.99
N PRO B 268 26.45 -15.50 21.01
CA PRO B 268 26.62 -16.96 20.91
C PRO B 268 25.27 -17.65 20.91
N GLY B 269 25.17 -18.74 20.15
CA GLY B 269 23.92 -19.44 20.04
C GLY B 269 22.89 -18.77 19.15
N ALA B 270 23.27 -17.70 18.44
CA ALA B 270 22.35 -17.03 17.53
C ALA B 270 22.02 -17.89 16.33
N GLY B 271 22.92 -18.80 15.95
CA GLY B 271 22.67 -19.67 14.82
C GLY B 271 21.52 -20.63 15.06
N GLU B 272 21.38 -21.12 16.30
CA GLU B 272 20.24 -21.97 16.63
C GLU B 272 18.93 -21.20 16.59
N GLY B 273 18.95 -19.93 16.98
CA GLY B 273 17.77 -19.09 16.85
C GLY B 273 17.41 -18.82 15.40
N ILE B 274 18.43 -18.62 14.55
CA ILE B 274 18.17 -18.44 13.12
C ILE B 274 17.63 -19.72 12.50
N LYS B 275 18.13 -20.88 12.92
CA LYS B 275 17.61 -22.15 12.44
C LYS B 275 16.17 -22.39 12.92
N PHE B 276 15.85 -21.95 14.13
CA PHE B 276 14.48 -21.97 14.60
C PHE B 276 13.61 -21.03 13.77
N TYR B 277 14.16 -19.88 13.41
CA TYR B 277 13.41 -18.84 12.70
C TYR B 277 13.12 -19.26 11.25
N LEU B 278 14.06 -19.94 10.60
CA LEU B 278 13.98 -20.15 9.16
C LEU B 278 13.56 -21.56 8.77
N TYR B 279 14.04 -22.59 9.45
CA TYR B 279 13.81 -23.96 9.00
C TYR B 279 12.38 -24.39 9.27
N PRO B 280 11.59 -24.72 8.25
CA PRO B 280 10.15 -24.94 8.46
C PRO B 280 9.85 -26.32 9.01
N ASP B 281 9.01 -26.37 10.04
CA ASP B 281 8.39 -27.61 10.48
C ASP B 281 7.10 -27.78 9.68
N ILE B 282 7.10 -28.71 8.74
CA ILE B 282 6.00 -28.85 7.79
C ILE B 282 4.72 -29.30 8.48
N SER B 283 4.83 -30.12 9.52
CA SER B 283 3.66 -30.64 10.22
C SER B 283 2.85 -29.56 10.94
N ARG B 284 3.43 -28.38 11.17
CA ARG B 284 2.68 -27.29 11.78
C ARG B 284 1.72 -26.68 10.76
N LEU B 285 2.05 -26.77 9.47
CA LEU B 285 1.23 -26.17 8.42
C LEU B 285 -0.12 -26.87 8.24
N GLY B 286 -0.29 -28.07 8.79
CA GLY B 286 -1.56 -28.75 8.77
C GLY B 286 -2.57 -28.28 9.80
N ASP B 287 -2.18 -27.35 10.66
CA ASP B 287 -2.90 -26.66 11.71
C ASP B 287 -3.24 -25.23 11.27
N PRO B 288 -4.46 -24.77 11.51
CA PRO B 288 -4.86 -23.43 11.02
C PRO B 288 -4.33 -22.27 11.82
N GLN B 289 -3.63 -22.50 12.94
CA GLN B 289 -3.09 -21.40 13.72
C GLN B 289 -2.02 -20.65 12.94
N VAL B 290 -1.15 -21.37 12.24
CA VAL B 290 -0.04 -20.74 11.52
C VAL B 290 -0.56 -19.96 10.32
N TRP B 291 -1.56 -20.50 9.60
CA TRP B 291 -2.09 -19.83 8.43
C TRP B 291 -2.84 -18.56 8.81
N ILE B 292 -3.68 -18.64 9.85
CA ILE B 292 -4.40 -17.48 10.35
C ILE B 292 -3.42 -16.43 10.87
N ASP B 293 -2.45 -16.86 11.66
CA ASP B 293 -1.51 -15.92 12.27
C ASP B 293 -0.67 -15.21 11.22
N ALA B 294 -0.18 -15.95 10.22
CA ALA B 294 0.65 -15.35 9.19
C ALA B 294 -0.16 -14.47 8.25
N GLY B 295 -1.35 -14.93 7.84
CA GLY B 295 -2.17 -14.12 6.95
C GLY B 295 -2.66 -12.85 7.60
N THR B 296 -3.11 -12.93 8.85
CA THR B 296 -3.52 -11.73 9.55
C THR B 296 -2.34 -10.89 10.00
N GLN B 297 -1.13 -11.45 10.08
CA GLN B 297 0.03 -10.62 10.35
C GLN B 297 0.40 -9.81 9.11
N ILE B 298 0.24 -10.41 7.92
CA ILE B 298 0.30 -9.64 6.67
C ILE B 298 -0.76 -8.55 6.64
N PHE B 299 -2.01 -8.91 6.91
CA PHE B 299 -3.08 -7.93 6.82
C PHE B 299 -3.04 -6.90 7.93
N PHE B 300 -2.35 -7.22 9.03
CA PHE B 300 -2.17 -6.32 10.16
C PHE B 300 -1.03 -5.36 9.90
N SER B 301 0.17 -5.89 9.64
CA SER B 301 1.36 -5.08 9.46
C SER B 301 1.35 -4.26 8.18
N TYR B 302 0.40 -4.50 7.29
CA TYR B 302 0.15 -3.61 6.17
C TYR B 302 -1.00 -2.65 6.43
N ALA B 303 -1.66 -2.78 7.59
CA ALA B 303 -2.71 -1.88 8.07
C ALA B 303 -3.85 -1.77 7.06
N ILE B 304 -4.34 -2.92 6.59
CA ILE B 304 -4.93 -2.88 5.26
C ILE B 304 -6.33 -3.51 5.29
N CYS B 305 -6.97 -3.48 6.45
CA CYS B 305 -8.42 -3.62 6.53
C CYS B 305 -8.98 -2.57 7.46
N LEU B 306 -8.45 -1.36 7.34
CA LEU B 306 -8.58 -0.34 8.37
C LEU B 306 -9.09 1.00 7.87
N GLY B 307 -9.12 1.23 6.56
CA GLY B 307 -9.46 2.52 6.02
C GLY B 307 -8.35 3.54 6.11
N ALA B 308 -7.22 3.19 6.71
CA ALA B 308 -6.14 4.15 6.89
C ALA B 308 -5.30 4.30 5.64
N MET B 309 -5.03 3.20 4.92
CA MET B 309 -4.36 3.34 3.64
C MET B 309 -5.27 3.92 2.58
N THR B 310 -6.57 3.66 2.67
CA THR B 310 -7.54 4.36 1.83
C THR B 310 -7.52 5.84 2.13
N SER B 311 -7.42 6.20 3.41
CA SER B 311 -7.36 7.61 3.80
C SER B 311 -6.07 8.27 3.30
N LEU B 312 -4.93 7.58 3.41
CA LEU B 312 -3.67 8.15 2.96
C LEU B 312 -3.61 8.26 1.44
N GLY B 313 -4.20 7.29 0.73
CA GLY B 313 -4.32 7.41 -0.70
C GLY B 313 -5.29 8.49 -1.14
N SER B 314 -6.19 8.91 -0.26
CA SER B 314 -7.17 9.92 -0.63
C SER B 314 -6.57 11.32 -0.71
N TYR B 315 -5.41 11.54 -0.10
CA TYR B 315 -4.70 12.80 -0.29
C TYR B 315 -3.68 12.74 -1.41
N ASN B 316 -3.52 11.60 -2.07
CA ASN B 316 -2.70 11.53 -3.27
C ASN B 316 -3.35 12.33 -4.39
N LYS B 317 -2.52 12.88 -5.27
CA LYS B 317 -3.01 13.43 -6.52
C LYS B 317 -3.57 12.30 -7.38
N TYR B 318 -4.49 12.65 -8.26
CA TYR B 318 -5.09 11.67 -9.15
C TYR B 318 -4.03 11.06 -10.06
N LYS B 319 -3.46 11.87 -10.95
CA LYS B 319 -2.38 11.41 -11.82
C LYS B 319 -1.09 11.35 -11.00
N TYR B 320 -0.97 10.29 -10.21
CA TYR B 320 0.20 10.06 -9.38
C TYR B 320 0.43 8.56 -9.29
N ASN B 321 1.62 8.12 -9.66
CA ASN B 321 1.97 6.71 -9.74
C ASN B 321 2.17 6.16 -8.34
N SER B 322 1.07 5.70 -7.72
CA SER B 322 1.13 5.10 -6.40
C SER B 322 1.71 3.70 -6.42
N TYR B 323 1.72 3.04 -7.58
CA TYR B 323 2.03 1.61 -7.64
C TYR B 323 3.48 1.32 -7.26
N ARG B 324 4.43 2.04 -7.87
CA ARG B 324 5.84 1.82 -7.58
C ARG B 324 6.18 2.23 -6.15
N ASP B 325 5.60 3.35 -5.69
CA ASP B 325 5.81 3.77 -4.30
C ASP B 325 5.23 2.74 -3.33
N CYS B 326 4.07 2.17 -3.67
CA CYS B 326 3.50 1.12 -2.83
C CYS B 326 4.39 -0.12 -2.80
N MET B 327 5.00 -0.47 -3.94
CA MET B 327 5.89 -1.62 -3.94
C MET B 327 7.13 -1.37 -3.10
N LEU B 328 7.71 -0.18 -3.20
CA LEU B 328 8.88 0.15 -2.40
C LEU B 328 8.54 0.17 -0.92
N LEU B 329 7.39 0.72 -0.56
CA LEU B 329 6.99 0.76 0.85
C LEU B 329 6.63 -0.62 1.39
N GLY B 330 6.03 -1.48 0.56
CA GLY B 330 5.75 -2.83 0.99
C GLY B 330 7.01 -3.67 1.15
N CYS B 331 7.98 -3.47 0.26
CA CYS B 331 9.29 -4.11 0.45
C CYS B 331 9.96 -3.61 1.73
N LEU B 332 9.84 -2.31 2.01
CA LEU B 332 10.36 -1.78 3.27
C LEU B 332 9.71 -2.42 4.48
N ASN B 333 8.38 -2.57 4.44
CA ASN B 333 7.63 -3.14 5.56
C ASN B 333 7.99 -4.61 5.79
N SER B 334 7.93 -5.42 4.74
CA SER B 334 8.21 -6.85 4.90
C SER B 334 9.69 -7.10 5.18
N GLY B 335 10.60 -6.29 4.61
CA GLY B 335 12.00 -6.42 4.95
C GLY B 335 12.29 -6.01 6.38
N THR B 336 11.59 -4.99 6.89
CA THR B 336 11.72 -4.62 8.29
C THR B 336 11.27 -5.75 9.20
N SER B 337 10.14 -6.39 8.86
CA SER B 337 9.66 -7.55 9.62
C SER B 337 10.66 -8.68 9.59
N PHE B 338 11.21 -8.98 8.40
CA PHE B 338 12.13 -10.11 8.24
C PHE B 338 13.45 -9.87 8.95
N VAL B 339 14.00 -8.65 8.84
CA VAL B 339 15.28 -8.35 9.46
C VAL B 339 15.15 -8.26 10.98
N SER B 340 14.10 -7.60 11.48
CA SER B 340 13.89 -7.55 12.92
C SER B 340 13.56 -8.93 13.48
N GLY B 341 12.94 -9.80 12.67
CA GLY B 341 12.77 -11.18 13.10
C GLY B 341 14.08 -11.93 13.21
N PHE B 342 14.99 -11.70 12.25
CA PHE B 342 16.34 -12.25 12.35
C PHE B 342 17.01 -11.81 13.64
N ALA B 343 16.90 -10.52 13.96
CA ALA B 343 17.47 -9.96 15.19
C ALA B 343 16.90 -10.64 16.43
N ILE B 344 15.57 -10.58 16.59
CA ILE B 344 14.93 -11.05 17.81
C ILE B 344 15.06 -12.57 17.96
N PHE B 345 15.10 -13.32 16.85
CA PHE B 345 15.22 -14.75 16.98
C PHE B 345 16.66 -15.17 17.21
N SER B 346 17.63 -14.38 16.75
CA SER B 346 19.01 -14.60 17.17
C SER B 346 19.17 -14.37 18.66
N ILE B 347 18.49 -13.35 19.19
CA ILE B 347 18.52 -13.09 20.63
C ILE B 347 17.86 -14.24 21.39
N LEU B 348 16.74 -14.77 20.85
CA LEU B 348 16.07 -15.90 21.49
C LEU B 348 16.94 -17.15 21.47
N GLY B 349 17.67 -17.38 20.39
CA GLY B 349 18.60 -18.50 20.36
C GLY B 349 19.74 -18.33 21.35
N PHE B 350 20.23 -17.09 21.51
CA PHE B 350 21.22 -16.82 22.54
C PHE B 350 20.66 -17.10 23.94
N MET B 351 19.42 -16.70 24.18
CA MET B 351 18.81 -16.92 25.48
C MET B 351 18.63 -18.41 25.75
N ALA B 352 18.25 -19.17 24.72
CA ALA B 352 18.11 -20.61 24.89
C ALA B 352 19.47 -21.27 25.13
N GLN B 353 20.53 -20.77 24.50
CA GLN B 353 21.87 -21.27 24.78
C GLN B 353 22.29 -20.95 26.20
N GLU B 354 22.00 -19.73 26.67
CA GLU B 354 22.48 -19.27 27.96
C GLU B 354 21.72 -19.92 29.11
N GLN B 355 20.40 -20.02 29.00
CA GLN B 355 19.58 -20.59 30.06
C GLN B 355 19.53 -22.11 30.03
N GLY B 356 19.99 -22.75 28.96
CA GLY B 356 19.97 -24.19 28.89
C GLY B 356 18.63 -24.80 28.57
N VAL B 357 17.63 -24.00 28.19
CA VAL B 357 16.30 -24.49 27.89
C VAL B 357 16.11 -24.41 26.39
N ASP B 358 15.07 -25.09 25.89
CA ASP B 358 14.79 -25.16 24.47
C ASP B 358 14.34 -23.78 23.95
N ILE B 359 14.50 -23.57 22.64
CA ILE B 359 14.27 -22.26 22.04
C ILE B 359 12.80 -21.88 22.15
N ALA B 360 11.90 -22.84 21.89
CA ALA B 360 10.47 -22.57 21.93
C ALA B 360 9.94 -22.33 23.34
N ASP B 361 10.73 -22.59 24.38
CA ASP B 361 10.29 -22.42 25.76
C ASP B 361 11.11 -21.42 26.53
N VAL B 362 11.92 -20.59 25.86
CA VAL B 362 12.83 -19.69 26.57
C VAL B 362 12.16 -18.37 26.95
N ALA B 363 11.10 -17.97 26.26
CA ALA B 363 10.45 -16.70 26.54
C ALA B 363 8.96 -16.88 26.32
N GLU B 364 8.24 -15.76 26.22
CA GLU B 364 6.79 -15.80 26.14
C GLU B 364 6.35 -16.13 24.73
N SER B 365 5.48 -17.13 24.60
CA SER B 365 4.82 -17.44 23.33
C SER B 365 3.55 -16.62 23.18
N GLY B 366 3.69 -15.32 23.35
CA GLY B 366 2.57 -14.40 23.37
C GLY B 366 3.06 -12.99 23.26
N PRO B 367 2.19 -12.01 23.53
CA PRO B 367 2.47 -10.62 23.14
C PRO B 367 3.64 -9.96 23.84
N GLY B 368 4.27 -10.60 24.81
CA GLY B 368 5.36 -9.96 25.49
C GLY B 368 6.75 -10.19 24.93
N LEU B 369 6.90 -10.95 23.83
CA LEU B 369 8.20 -11.49 23.43
C LEU B 369 9.20 -10.40 23.11
N ALA B 370 8.78 -9.31 22.49
CA ALA B 370 9.68 -8.19 22.24
C ALA B 370 10.08 -7.46 23.51
N PHE B 371 9.38 -7.70 24.62
CA PHE B 371 9.70 -7.11 25.90
C PHE B 371 10.46 -8.06 26.83
N ILE B 372 10.74 -9.29 26.38
CA ILE B 372 11.74 -10.13 27.00
C ILE B 372 13.03 -10.10 26.19
N ALA B 373 12.95 -10.44 24.91
CA ALA B 373 14.14 -10.70 24.11
C ALA B 373 14.92 -9.42 23.85
N TYR B 374 14.26 -8.36 23.44
CA TYR B 374 14.98 -7.12 23.13
C TYR B 374 15.56 -6.43 24.36
N PRO B 375 14.84 -6.31 25.52
CA PRO B 375 15.55 -5.85 26.73
C PRO B 375 16.70 -6.74 27.16
N LYS B 376 16.56 -8.06 26.97
CA LYS B 376 17.65 -8.96 27.30
C LYS B 376 18.87 -8.71 26.41
N ALA B 377 18.64 -8.42 25.12
CA ALA B 377 19.73 -8.09 24.22
C ALA B 377 20.36 -6.75 24.58
N VAL B 378 19.54 -5.79 25.02
CA VAL B 378 20.07 -4.50 25.42
C VAL B 378 20.96 -4.63 26.65
N THR B 379 20.63 -5.55 27.57
CA THR B 379 21.53 -5.80 28.70
C THR B 379 22.88 -6.37 28.28
N MET B 380 22.99 -6.90 27.07
CA MET B 380 24.26 -7.42 26.57
C MET B 380 25.06 -6.39 25.77
N MET B 381 24.58 -5.14 25.68
CA MET B 381 25.30 -4.06 25.01
C MET B 381 26.15 -3.28 25.99
N PRO B 382 27.23 -2.63 25.52
CA PRO B 382 27.96 -1.71 26.40
C PRO B 382 27.14 -0.47 26.69
N LEU B 383 27.14 -0.06 27.96
CA LEU B 383 26.29 0.97 28.54
C LEU B 383 24.83 0.65 28.22
N PRO B 384 24.23 -0.33 28.91
CA PRO B 384 22.88 -0.78 28.55
C PRO B 384 21.79 0.23 28.86
N THR B 385 22.06 1.22 29.71
CA THR B 385 21.05 2.23 30.03
C THR B 385 20.73 3.09 28.80
N PHE B 386 21.78 3.56 28.13
CA PHE B 386 21.62 4.43 26.96
C PHE B 386 20.94 3.70 25.82
N TRP B 387 21.26 2.42 25.65
CA TRP B 387 20.62 1.62 24.61
C TRP B 387 19.21 1.22 24.99
N SER B 388 18.91 1.06 26.28
CA SER B 388 17.53 0.88 26.71
C SER B 388 16.70 2.10 26.37
N ILE B 389 17.24 3.29 26.66
CA ILE B 389 16.56 4.54 26.35
C ILE B 389 16.32 4.66 24.85
N LEU B 390 17.34 4.36 24.04
CA LEU B 390 17.18 4.47 22.60
C LEU B 390 16.21 3.42 22.06
N PHE B 391 16.24 2.19 22.60
CA PHE B 391 15.35 1.16 22.07
C PHE B 391 13.89 1.45 22.41
N PHE B 392 13.62 1.94 23.62
CA PHE B 392 12.23 2.20 23.93
C PHE B 392 11.74 3.52 23.34
N ILE B 393 12.63 4.49 23.09
CA ILE B 393 12.25 5.59 22.21
C ILE B 393 12.06 5.11 20.78
N MET B 394 12.79 4.09 20.33
CA MET B 394 12.57 3.54 18.99
C MET B 394 11.20 2.88 18.87
N LEU B 395 10.84 2.08 19.87
CA LEU B 395 9.50 1.48 19.91
C LEU B 395 8.44 2.56 19.99
N LEU B 396 8.68 3.59 20.80
CA LEU B 396 7.74 4.70 20.90
C LEU B 396 7.60 5.44 19.58
N LEU B 397 8.70 5.62 18.86
CA LEU B 397 8.64 6.32 17.57
C LEU B 397 7.88 5.52 16.53
N LEU B 398 8.21 4.22 16.41
CA LEU B 398 7.51 3.35 15.47
C LEU B 398 6.03 3.25 15.79
N GLY B 399 5.70 2.89 17.04
CA GLY B 399 4.32 2.74 17.43
C GLY B 399 3.56 4.05 17.45
N LEU B 400 4.21 5.16 17.81
CA LEU B 400 3.55 6.44 17.85
C LEU B 400 3.22 6.94 16.45
N ASP B 401 4.17 6.83 15.52
CA ASP B 401 3.89 7.25 14.15
C ASP B 401 2.83 6.38 13.50
N SER B 402 2.89 5.06 13.75
CA SER B 402 1.84 4.16 13.29
C SER B 402 0.50 4.54 13.88
N GLN B 403 0.47 4.84 15.18
CA GLN B 403 -0.78 5.22 15.84
C GLN B 403 -1.31 6.54 15.33
N PHE B 404 -0.43 7.51 15.03
CA PHE B 404 -0.89 8.77 14.46
C PHE B 404 -1.55 8.52 13.11
N VAL B 405 -0.95 7.63 12.32
CA VAL B 405 -1.50 7.36 11.00
C VAL B 405 -2.85 6.64 11.09
N GLU B 406 -2.98 5.64 11.96
CA GLU B 406 -4.28 4.93 12.03
C GLU B 406 -5.35 5.78 12.70
N VAL B 407 -4.99 6.56 13.72
CA VAL B 407 -5.93 7.47 14.36
C VAL B 407 -6.37 8.55 13.37
N GLU B 408 -5.43 9.09 12.59
CA GLU B 408 -5.77 10.07 11.58
C GLU B 408 -6.59 9.45 10.43
N GLY B 409 -6.36 8.17 10.11
CA GLY B 409 -7.17 7.52 9.12
C GLY B 409 -8.59 7.29 9.58
N GLN B 410 -8.77 6.89 10.84
CA GLN B 410 -10.10 6.76 11.42
C GLN B 410 -10.81 8.11 11.44
N ILE B 411 -10.10 9.16 11.84
CA ILE B 411 -10.69 10.49 11.90
C ILE B 411 -10.98 11.01 10.50
N THR B 412 -10.12 10.72 9.53
CA THR B 412 -10.33 11.11 8.15
C THR B 412 -11.58 10.46 7.58
N SER B 413 -11.76 9.16 7.84
CA SER B 413 -12.96 8.48 7.38
C SER B 413 -14.21 8.99 8.09
N LEU B 414 -14.11 9.28 9.39
CA LEU B 414 -15.28 9.75 10.13
C LEU B 414 -15.62 11.21 9.84
N VAL B 415 -14.70 12.00 9.32
CA VAL B 415 -15.05 13.34 8.86
C VAL B 415 -15.39 13.35 7.38
N ASP B 416 -15.01 12.32 6.62
CA ASP B 416 -15.56 12.13 5.29
C ASP B 416 -17.00 11.66 5.37
N LEU B 417 -17.34 10.90 6.41
CA LEU B 417 -18.71 10.44 6.59
C LEU B 417 -19.65 11.59 6.91
N TYR B 418 -19.18 12.57 7.68
CA TYR B 418 -19.97 13.75 8.04
C TYR B 418 -19.17 15.03 7.79
N PRO B 419 -19.06 15.46 6.54
CA PRO B 419 -18.54 16.81 6.30
C PRO B 419 -19.54 17.84 6.76
N SER B 420 -19.01 18.99 7.20
CA SER B 420 -19.71 20.15 7.77
C SER B 420 -20.34 19.87 9.13
N PHE B 421 -20.29 18.64 9.62
CA PHE B 421 -20.56 18.34 11.02
C PHE B 421 -19.28 18.30 11.83
N LEU B 422 -18.20 17.83 11.22
CA LEU B 422 -16.87 17.83 11.81
C LEU B 422 -15.98 18.59 10.83
N ARG B 423 -15.97 19.92 10.96
CA ARG B 423 -15.19 20.78 10.06
C ARG B 423 -13.72 20.78 10.46
N LYS B 424 -12.94 21.72 9.94
CA LYS B 424 -11.54 21.84 10.30
C LYS B 424 -11.33 22.79 11.47
N GLY B 425 -12.32 22.94 12.35
CA GLY B 425 -12.24 23.89 13.44
C GLY B 425 -12.44 23.30 14.81
N TYR B 426 -13.41 23.84 15.55
CA TYR B 426 -13.57 23.48 16.96
C TYR B 426 -14.21 22.11 17.13
N ARG B 427 -15.03 21.65 16.18
CA ARG B 427 -15.62 20.33 16.31
C ARG B 427 -14.61 19.22 16.03
N ARG B 428 -13.57 19.50 15.24
CA ARG B 428 -12.44 18.56 15.17
C ARG B 428 -11.37 18.92 16.19
N GLU B 429 -11.79 19.20 17.41
CA GLU B 429 -10.93 19.29 18.57
C GLU B 429 -11.63 18.53 19.69
N ILE B 430 -12.96 18.58 19.67
CA ILE B 430 -13.78 17.88 20.64
C ILE B 430 -14.03 16.45 20.22
N PHE B 431 -14.26 16.22 18.92
CA PHE B 431 -14.38 14.84 18.42
C PHE B 431 -13.05 14.11 18.54
N ILE B 432 -11.94 14.82 18.34
CA ILE B 432 -10.61 14.23 18.48
C ILE B 432 -10.41 13.78 19.92
N ALA B 433 -10.73 14.66 20.87
CA ALA B 433 -10.56 14.38 22.28
C ALA B 433 -11.53 13.29 22.75
N ILE B 434 -12.73 13.24 22.19
CA ILE B 434 -13.68 12.20 22.54
C ILE B 434 -13.19 10.83 22.05
N LEU B 435 -12.70 10.75 20.81
CA LEU B 435 -12.17 9.49 20.30
C LEU B 435 -10.99 9.02 21.14
N CYS B 436 -10.08 9.94 21.47
CA CYS B 436 -8.94 9.60 22.32
C CYS B 436 -9.38 9.21 23.73
N SER B 437 -10.41 9.86 24.28
CA SER B 437 -10.82 9.61 25.65
C SER B 437 -11.50 8.26 25.81
N ILE B 438 -12.45 7.94 24.93
CA ILE B 438 -13.04 6.59 24.99
C ILE B 438 -12.04 5.50 24.60
N SER B 439 -11.11 5.78 23.67
CA SER B 439 -10.11 4.75 23.39
C SER B 439 -9.15 4.54 24.56
N TYR B 440 -8.85 5.61 25.31
CA TYR B 440 -8.04 5.48 26.53
C TYR B 440 -8.79 4.74 27.61
N LEU B 441 -10.06 5.09 27.82
CA LEU B 441 -10.85 4.49 28.90
C LEU B 441 -11.14 3.02 28.63
N LEU B 442 -11.36 2.65 27.37
CA LEU B 442 -11.51 1.23 27.05
C LEU B 442 -10.16 0.54 27.00
N GLY B 443 -9.07 1.30 26.86
CA GLY B 443 -7.74 0.75 27.06
C GLY B 443 -7.34 0.56 28.51
N LEU B 444 -8.10 1.12 29.45
CA LEU B 444 -7.84 0.85 30.86
C LEU B 444 -8.22 -0.55 31.27
N THR B 445 -9.11 -1.20 30.53
CA THR B 445 -9.48 -2.58 30.84
C THR B 445 -8.33 -3.52 30.57
N MET B 446 -7.48 -3.17 29.61
CA MET B 446 -6.42 -4.04 29.14
C MET B 446 -5.09 -3.76 29.79
N VAL B 447 -5.04 -2.81 30.73
CA VAL B 447 -3.75 -2.41 31.28
C VAL B 447 -3.79 -2.57 32.80
N THR B 448 -4.75 -3.36 33.29
CA THR B 448 -4.92 -3.66 34.70
C THR B 448 -3.92 -4.74 35.13
N GLU B 449 -4.16 -5.31 36.30
CA GLU B 449 -3.33 -6.40 36.81
C GLU B 449 -3.49 -7.67 35.96
N GLY B 450 -4.67 -7.90 35.42
CA GLY B 450 -4.89 -9.02 34.51
C GLY B 450 -5.15 -8.60 33.09
N GLY B 451 -4.48 -7.53 32.65
CA GLY B 451 -4.76 -6.92 31.36
C GLY B 451 -4.08 -7.54 30.16
N MET B 452 -3.08 -8.39 30.35
CA MET B 452 -2.56 -9.16 29.23
C MET B 452 -3.58 -10.13 28.66
N TYR B 453 -4.47 -10.67 29.47
CA TYR B 453 -5.44 -11.61 28.94
C TYR B 453 -6.45 -10.91 28.04
N VAL B 454 -6.91 -9.73 28.46
CA VAL B 454 -7.79 -8.92 27.63
C VAL B 454 -7.03 -8.40 26.42
N PHE B 455 -5.73 -8.11 26.59
CA PHE B 455 -4.92 -7.63 25.47
C PHE B 455 -4.72 -8.70 24.40
N GLN B 456 -4.43 -9.94 24.83
CA GLN B 456 -4.28 -11.03 23.88
C GLN B 456 -5.60 -11.36 23.20
N LEU B 457 -6.71 -11.21 23.93
CA LEU B 457 -8.02 -11.33 23.30
C LEU B 457 -8.22 -10.28 22.20
N PHE B 458 -7.89 -9.02 22.51
CA PHE B 458 -7.99 -7.95 21.52
C PHE B 458 -7.06 -8.17 20.35
N ASP B 459 -5.85 -8.64 20.61
CA ASP B 459 -4.86 -8.82 19.57
C ASP B 459 -5.22 -9.97 18.64
N TYR B 460 -5.69 -11.07 19.20
CA TYR B 460 -6.06 -12.21 18.37
C TYR B 460 -7.37 -11.98 17.63
N TYR B 461 -8.29 -11.22 18.23
CA TYR B 461 -9.66 -11.20 17.75
C TYR B 461 -10.12 -9.85 17.22
N ALA B 462 -9.84 -8.76 17.93
CA ALA B 462 -10.54 -7.51 17.70
C ALA B 462 -10.12 -6.83 16.40
N ALA B 463 -8.86 -6.92 16.04
CA ALA B 463 -8.39 -6.25 14.83
C ALA B 463 -7.44 -7.10 14.00
N SER B 464 -7.20 -8.35 14.37
CA SER B 464 -6.33 -9.19 13.54
C SER B 464 -6.78 -10.64 13.55
N GLY B 465 -8.07 -10.88 13.42
CA GLY B 465 -8.51 -12.26 13.38
C GLY B 465 -9.11 -12.63 12.05
N VAL B 466 -10.20 -13.40 12.09
CA VAL B 466 -10.96 -13.65 10.87
C VAL B 466 -11.67 -12.40 10.37
N CYS B 467 -11.69 -11.32 11.15
CA CYS B 467 -12.21 -10.04 10.68
C CYS B 467 -11.34 -9.45 9.58
N LEU B 468 -10.01 -9.59 9.70
CA LEU B 468 -9.13 -9.10 8.65
C LEU B 468 -9.31 -9.90 7.36
N LEU B 469 -9.42 -11.22 7.48
CA LEU B 469 -9.72 -12.07 6.33
C LEU B 469 -11.07 -11.70 5.71
N TRP B 470 -12.05 -11.42 6.58
CA TRP B 470 -13.39 -11.03 6.14
C TRP B 470 -13.36 -9.75 5.32
N VAL B 471 -12.74 -8.71 5.85
CA VAL B 471 -12.73 -7.41 5.17
C VAL B 471 -11.86 -7.46 3.93
N ALA B 472 -10.72 -8.16 3.97
CA ALA B 472 -9.85 -8.25 2.80
C ALA B 472 -10.50 -9.06 1.69
N PHE B 473 -11.14 -10.18 2.03
CA PHE B 473 -11.87 -10.98 1.04
C PHE B 473 -12.99 -10.16 0.43
N PHE B 474 -13.72 -9.40 1.24
CA PHE B 474 -14.83 -8.65 0.68
C PHE B 474 -14.36 -7.46 -0.14
N GLU B 475 -13.23 -6.84 0.22
CA GLU B 475 -12.66 -5.79 -0.63
C GLU B 475 -12.29 -6.34 -2.01
N CYS B 476 -11.53 -7.44 -2.02
CA CYS B 476 -11.11 -8.03 -3.28
C CYS B 476 -12.30 -8.55 -4.08
N PHE B 477 -13.30 -9.13 -3.40
CA PHE B 477 -14.46 -9.64 -4.10
C PHE B 477 -15.30 -8.52 -4.70
N VAL B 478 -15.54 -7.44 -3.95
CA VAL B 478 -16.34 -6.33 -4.48
C VAL B 478 -15.66 -5.70 -5.67
N ILE B 479 -14.35 -5.39 -5.55
CA ILE B 479 -13.58 -4.88 -6.68
C ILE B 479 -13.69 -5.82 -7.87
N ALA B 480 -13.21 -7.06 -7.70
CA ALA B 480 -12.97 -7.97 -8.81
C ALA B 480 -14.25 -8.44 -9.47
N TRP B 481 -15.35 -8.55 -8.73
CA TRP B 481 -16.53 -9.21 -9.26
C TRP B 481 -17.79 -8.36 -9.26
N ILE B 482 -17.87 -7.29 -8.47
CA ILE B 482 -19.03 -6.42 -8.54
C ILE B 482 -18.58 -5.13 -9.21
N TYR B 483 -17.30 -4.80 -9.06
CA TYR B 483 -16.77 -3.64 -9.77
C TYR B 483 -15.99 -4.02 -11.00
N GLY B 484 -15.39 -5.20 -11.00
CA GLY B 484 -14.68 -5.70 -12.17
C GLY B 484 -13.20 -5.40 -12.12
N VAL B 485 -12.37 -6.43 -12.35
CA VAL B 485 -10.94 -6.22 -12.50
C VAL B 485 -10.66 -5.38 -13.75
N ASN B 486 -11.45 -5.57 -14.81
CA ASN B 486 -11.24 -4.80 -16.03
C ASN B 486 -11.61 -3.33 -15.84
N ARG B 487 -12.76 -3.07 -15.21
CA ARG B 487 -13.19 -1.70 -14.98
C ARG B 487 -12.27 -1.00 -13.98
N PHE B 488 -11.86 -1.70 -12.92
CA PHE B 488 -10.96 -1.07 -11.97
C PHE B 488 -9.55 -0.90 -12.54
N SER B 489 -9.13 -1.80 -13.42
CA SER B 489 -7.84 -1.62 -14.09
C SER B 489 -7.89 -0.45 -15.07
N GLU B 490 -9.04 -0.23 -15.70
CA GLU B 490 -9.24 0.96 -16.52
C GLU B 490 -9.16 2.23 -15.65
N ASP B 491 -9.78 2.19 -14.47
CA ASP B 491 -9.69 3.30 -13.53
C ASP B 491 -8.24 3.55 -13.11
N ILE B 492 -7.50 2.48 -12.84
CA ILE B 492 -6.10 2.59 -12.45
C ILE B 492 -5.27 3.18 -13.59
N ARG B 493 -5.50 2.71 -14.82
CA ARG B 493 -4.77 3.22 -15.97
C ARG B 493 -5.05 4.69 -16.22
N ASP B 494 -6.26 5.16 -15.90
CA ASP B 494 -6.56 6.57 -16.11
C ASP B 494 -5.70 7.50 -15.26
N MET B 495 -5.20 7.03 -14.12
CA MET B 495 -4.43 7.86 -13.22
C MET B 495 -2.99 7.39 -13.02
N ILE B 496 -2.79 6.08 -12.80
CA ILE B 496 -1.44 5.55 -12.69
C ILE B 496 -0.73 5.65 -14.04
N GLY B 497 -1.44 5.35 -15.12
CA GLY B 497 -0.91 5.44 -16.46
C GLY B 497 -0.85 4.12 -17.20
N TYR B 498 -0.80 3.00 -16.48
CA TYR B 498 -0.68 1.70 -17.12
C TYR B 498 -1.66 0.71 -16.51
N ARG B 499 -1.90 -0.33 -17.28
CA ARG B 499 -2.69 -1.48 -16.86
C ARG B 499 -1.97 -2.21 -15.74
N PRO B 500 -2.60 -2.42 -14.58
CA PRO B 500 -2.00 -3.31 -13.57
C PRO B 500 -1.89 -4.73 -14.10
N GLY B 501 -0.82 -5.41 -13.72
CA GLY B 501 -0.45 -6.64 -14.35
C GLY B 501 -1.34 -7.79 -13.94
N PRO B 502 -1.03 -8.99 -14.45
CA PRO B 502 -1.82 -10.18 -14.07
C PRO B 502 -1.68 -10.56 -12.62
N TRP B 503 -0.62 -10.11 -11.94
CA TRP B 503 -0.49 -10.39 -10.51
C TRP B 503 -1.59 -9.70 -9.71
N MET B 504 -1.77 -8.39 -9.92
CA MET B 504 -2.83 -7.67 -9.22
C MET B 504 -4.21 -8.16 -9.61
N LYS B 505 -4.42 -8.39 -10.91
CA LYS B 505 -5.71 -8.86 -11.41
C LYS B 505 -6.08 -10.21 -10.81
N TYR B 506 -5.17 -11.19 -10.91
CA TYR B 506 -5.47 -12.52 -10.40
C TYR B 506 -5.41 -12.59 -8.88
N SER B 507 -4.72 -11.66 -8.22
CA SER B 507 -4.74 -11.63 -6.77
C SER B 507 -6.06 -11.07 -6.25
N TRP B 508 -6.55 -9.99 -6.84
CA TRP B 508 -7.85 -9.46 -6.42
C TRP B 508 -8.98 -10.38 -6.85
N ALA B 509 -8.81 -11.11 -7.95
CA ALA B 509 -9.88 -11.98 -8.43
C ALA B 509 -9.89 -13.30 -7.67
N VAL B 510 -8.79 -14.05 -7.73
CA VAL B 510 -8.75 -15.42 -7.27
C VAL B 510 -7.94 -15.57 -5.98
N ILE B 511 -6.71 -15.05 -5.97
CA ILE B 511 -5.72 -15.48 -4.97
C ILE B 511 -6.08 -15.00 -3.58
N THR B 512 -6.35 -13.70 -3.42
CA THR B 512 -6.75 -13.19 -2.11
C THR B 512 -8.11 -13.72 -1.64
N PRO B 513 -9.17 -13.77 -2.48
CA PRO B 513 -10.40 -14.45 -2.00
C PRO B 513 -10.20 -15.92 -1.66
N ALA B 514 -9.42 -16.67 -2.44
CA ALA B 514 -9.20 -18.08 -2.13
C ALA B 514 -8.43 -18.25 -0.84
N LEU B 515 -7.40 -17.41 -0.61
CA LEU B 515 -6.61 -17.50 0.61
C LEU B 515 -7.44 -17.13 1.83
N CYS B 516 -8.22 -16.05 1.74
CA CYS B 516 -9.02 -15.62 2.87
C CYS B 516 -10.14 -16.60 3.18
N VAL B 517 -10.82 -17.11 2.14
CA VAL B 517 -11.90 -18.08 2.36
C VAL B 517 -11.34 -19.41 2.87
N GLY B 518 -10.20 -19.84 2.34
CA GLY B 518 -9.60 -21.08 2.79
C GLY B 518 -9.13 -21.02 4.23
N CYS B 519 -8.47 -19.92 4.62
CA CYS B 519 -8.05 -19.79 6.01
C CYS B 519 -9.23 -19.58 6.95
N PHE B 520 -10.27 -18.86 6.49
CA PHE B 520 -11.48 -18.69 7.28
C PHE B 520 -12.19 -20.01 7.54
N VAL B 521 -12.35 -20.83 6.50
CA VAL B 521 -13.02 -22.12 6.66
C VAL B 521 -12.15 -23.09 7.44
N PHE B 522 -10.84 -23.09 7.17
CA PHE B 522 -9.95 -24.06 7.77
C PHE B 522 -9.66 -23.74 9.23
N SER B 523 -9.84 -22.48 9.64
CA SER B 523 -9.76 -22.14 11.06
C SER B 523 -10.99 -22.57 11.84
N LEU B 524 -12.08 -22.93 11.18
CA LEU B 524 -13.30 -23.36 11.83
C LEU B 524 -13.52 -24.87 11.76
N VAL B 525 -13.14 -25.50 10.64
CA VAL B 525 -13.25 -26.95 10.55
C VAL B 525 -12.21 -27.63 11.45
N LYS B 526 -11.12 -26.95 11.78
CA LYS B 526 -10.07 -27.46 12.65
C LYS B 526 -9.81 -26.45 13.79
N TYR B 527 -10.89 -26.02 14.43
CA TYR B 527 -10.84 -24.92 15.39
C TYR B 527 -10.05 -25.30 16.63
N VAL B 528 -9.16 -24.41 17.05
CA VAL B 528 -8.47 -24.50 18.34
C VAL B 528 -8.72 -23.20 19.08
N PRO B 529 -8.91 -23.23 20.39
CA PRO B 529 -9.21 -21.99 21.12
C PRO B 529 -7.96 -21.15 21.33
N LEU B 530 -8.18 -19.86 21.56
CA LEU B 530 -7.09 -18.96 21.87
C LEU B 530 -6.50 -19.29 23.24
N THR B 531 -5.18 -19.44 23.30
CA THR B 531 -4.46 -19.63 24.54
C THR B 531 -3.37 -18.58 24.64
N TYR B 532 -3.13 -18.09 25.86
CA TYR B 532 -2.06 -17.15 26.11
C TYR B 532 -0.86 -17.90 26.68
N ASN B 533 0.27 -17.83 25.96
CA ASN B 533 1.56 -18.39 26.38
C ASN B 533 1.49 -19.90 26.62
N LYS B 534 0.66 -20.59 25.82
CA LYS B 534 0.57 -22.04 25.72
C LYS B 534 0.05 -22.74 26.98
N VAL B 535 -0.18 -22.00 28.06
CA VAL B 535 -0.57 -22.62 29.33
C VAL B 535 -1.87 -22.07 29.87
N TYR B 536 -2.30 -20.87 29.48
CA TYR B 536 -3.57 -20.32 29.94
C TYR B 536 -4.66 -20.67 28.93
N ARG B 537 -5.62 -21.47 29.37
CA ARG B 537 -6.81 -21.71 28.56
C ARG B 537 -7.85 -20.65 28.90
N TYR B 538 -8.36 -20.00 27.87
CA TYR B 538 -9.33 -18.93 28.10
C TYR B 538 -10.68 -19.53 28.47
N PRO B 539 -11.44 -18.87 29.34
CA PRO B 539 -12.81 -19.32 29.59
C PRO B 539 -13.70 -19.07 28.39
N ASP B 540 -14.83 -19.78 28.36
CA ASP B 540 -15.73 -19.71 27.21
C ASP B 540 -16.36 -18.33 27.06
N TRP B 541 -16.58 -17.62 28.16
CA TRP B 541 -17.09 -16.26 28.06
C TRP B 541 -16.06 -15.32 27.47
N ALA B 542 -14.77 -15.55 27.73
CA ALA B 542 -13.73 -14.71 27.16
C ALA B 542 -13.56 -14.98 25.67
N ILE B 543 -13.64 -16.25 25.26
CA ILE B 543 -13.63 -16.58 23.84
C ILE B 543 -14.86 -16.00 23.15
N GLY B 544 -16.01 -16.01 23.84
CA GLY B 544 -17.19 -15.37 23.30
C GLY B 544 -17.06 -13.87 23.17
N LEU B 545 -16.38 -13.23 24.12
CA LEU B 545 -16.12 -11.79 24.03
C LEU B 545 -15.16 -11.46 22.90
N GLY B 546 -14.15 -12.30 22.70
CA GLY B 546 -13.25 -12.12 21.57
C GLY B 546 -13.96 -12.30 20.24
N TRP B 547 -14.82 -13.32 20.14
CA TRP B 547 -15.63 -13.50 18.95
C TRP B 547 -16.61 -12.36 18.77
N GLY B 548 -17.08 -11.76 19.87
CA GLY B 548 -17.91 -10.57 19.76
C GLY B 548 -17.17 -9.38 19.22
N LEU B 549 -15.90 -9.20 19.62
CA LEU B 549 -15.07 -8.14 19.04
C LEU B 549 -14.84 -8.38 17.54
N ALA B 550 -14.56 -9.64 17.18
CA ALA B 550 -14.37 -9.98 15.78
C ALA B 550 -15.64 -9.73 14.99
N LEU B 551 -16.80 -10.17 15.50
CA LEU B 551 -18.05 -10.02 14.79
C LEU B 551 -18.50 -8.56 14.73
N SER B 552 -18.20 -7.77 15.77
CA SER B 552 -18.45 -6.34 15.67
C SER B 552 -17.60 -5.71 14.59
N SER B 553 -16.40 -6.25 14.36
CA SER B 553 -15.68 -5.90 13.14
C SER B 553 -16.30 -6.55 11.91
N MET B 554 -16.66 -7.84 12.00
CA MET B 554 -17.15 -8.59 10.84
C MET B 554 -18.55 -8.14 10.40
N LEU B 555 -19.49 -8.03 11.33
CA LEU B 555 -20.90 -7.91 10.94
C LEU B 555 -21.28 -6.53 10.46
N CYS B 556 -20.34 -5.59 10.31
CA CYS B 556 -20.68 -4.31 9.71
C CYS B 556 -20.96 -4.43 8.22
N ILE B 557 -20.49 -5.47 7.56
CA ILE B 557 -20.77 -5.67 6.14
C ILE B 557 -22.20 -6.17 5.91
N PRO B 558 -22.66 -7.31 6.48
CA PRO B 558 -24.03 -7.74 6.17
C PRO B 558 -25.09 -6.87 6.81
N LEU B 559 -24.80 -6.20 7.93
CA LEU B 559 -25.80 -5.33 8.52
C LEU B 559 -26.00 -4.06 7.69
N VAL B 560 -24.92 -3.52 7.13
CA VAL B 560 -25.07 -2.39 6.22
C VAL B 560 -25.75 -2.84 4.92
N ILE B 561 -25.48 -4.07 4.47
CA ILE B 561 -26.21 -4.61 3.32
C ILE B 561 -27.70 -4.69 3.60
N VAL B 562 -28.07 -5.18 4.79
CA VAL B 562 -29.48 -5.30 5.16
C VAL B 562 -30.13 -3.92 5.30
N ILE B 563 -29.42 -2.97 5.92
CA ILE B 563 -29.94 -1.61 6.08
C ILE B 563 -30.16 -0.96 4.73
N LEU B 564 -29.21 -1.10 3.81
CA LEU B 564 -29.34 -0.49 2.49
C LEU B 564 -30.41 -1.16 1.65
N LEU B 565 -30.58 -2.48 1.77
CA LEU B 565 -31.66 -3.16 1.08
C LEU B 565 -33.01 -2.84 1.68
N CYS B 566 -33.04 -2.41 2.94
CA CYS B 566 -34.30 -2.03 3.58
C CYS B 566 -34.68 -0.57 3.35
N ARG B 567 -33.70 0.31 3.15
CA ARG B 567 -33.97 1.73 2.96
C ARG B 567 -34.12 2.14 1.49
N THR B 568 -33.97 1.22 0.56
CA THR B 568 -34.13 1.51 -0.86
C THR B 568 -35.43 0.90 -1.37
N GLU B 569 -36.21 1.69 -2.10
CA GLU B 569 -37.54 1.28 -2.54
C GLU B 569 -37.47 0.53 -3.86
N GLY B 570 -38.24 -0.56 -3.95
CA GLY B 570 -38.30 -1.36 -5.15
C GLY B 570 -38.23 -2.84 -4.83
N PRO B 571 -38.21 -3.67 -5.87
CA PRO B 571 -37.95 -5.11 -5.65
C PRO B 571 -36.46 -5.36 -5.41
N LEU B 572 -36.16 -6.61 -5.03
CA LEU B 572 -34.79 -6.96 -4.66
C LEU B 572 -33.84 -6.86 -5.85
N ARG B 573 -34.28 -7.29 -7.03
CA ARG B 573 -33.44 -7.20 -8.23
C ARG B 573 -33.19 -5.76 -8.65
N VAL B 574 -34.07 -4.84 -8.28
CA VAL B 574 -33.84 -3.42 -8.56
C VAL B 574 -33.02 -2.77 -7.45
N ARG B 575 -33.27 -3.15 -6.19
CA ARG B 575 -32.51 -2.60 -5.07
C ARG B 575 -31.04 -2.96 -5.15
N ILE B 576 -30.74 -4.23 -5.44
CA ILE B 576 -29.35 -4.68 -5.55
C ILE B 576 -28.67 -4.01 -6.73
N LYS B 577 -29.36 -3.91 -7.87
CA LYS B 577 -28.81 -3.26 -9.05
C LYS B 577 -28.51 -1.79 -8.80
N TYR B 578 -29.41 -1.10 -8.09
CA TYR B 578 -29.18 0.31 -7.76
C TYR B 578 -28.03 0.47 -6.78
N LEU B 579 -27.93 -0.41 -5.79
CA LEU B 579 -26.93 -0.25 -4.75
C LEU B 579 -25.54 -0.75 -5.16
N ILE B 580 -25.44 -1.55 -6.22
CA ILE B 580 -24.11 -1.87 -6.74
C ILE B 580 -23.64 -0.86 -7.78
N THR B 581 -24.52 0.02 -8.24
CA THR B 581 -24.12 1.05 -9.19
C THR B 581 -23.32 2.13 -8.48
N PRO B 582 -22.11 2.43 -8.93
CA PRO B 582 -21.30 3.48 -8.30
C PRO B 582 -21.92 4.86 -8.43
N ARG B 583 -21.67 5.69 -7.43
CA ARG B 583 -22.18 7.06 -7.41
C ARG B 583 -21.04 8.07 -7.51
N GLU C 1 -1.87 24.34 -23.44
CA GLU C 1 -1.29 23.04 -23.71
C GLU C 1 0.20 23.02 -23.43
N ASN C 2 0.75 21.82 -23.23
CA ASN C 2 2.19 21.63 -23.08
C ASN C 2 2.80 21.60 -24.48
N VAL C 3 3.26 22.76 -24.93
CA VAL C 3 3.86 22.87 -26.25
C VAL C 3 5.31 22.41 -26.18
N LEU C 4 5.68 21.47 -27.04
CA LEU C 4 7.04 20.91 -27.07
C LEU C 4 7.78 21.54 -28.25
N THR C 5 8.51 22.62 -27.97
CA THR C 5 9.35 23.25 -28.98
C THR C 5 10.60 22.39 -29.18
N GLN C 6 10.69 21.76 -30.34
CA GLN C 6 11.75 20.81 -30.66
C GLN C 6 12.79 21.49 -31.55
N SER C 7 13.94 20.83 -31.71
CA SER C 7 15.04 21.33 -32.52
C SER C 7 14.58 21.55 -33.97
N PRO C 8 15.18 22.51 -34.68
CA PRO C 8 14.71 22.85 -36.04
C PRO C 8 14.72 21.67 -36.99
N ALA C 9 13.72 21.65 -37.87
CA ALA C 9 13.41 20.45 -38.64
C ALA C 9 14.53 20.08 -39.61
N ILE C 10 15.10 21.07 -40.29
CA ILE C 10 16.10 20.80 -41.32
C ILE C 10 17.45 20.64 -40.62
N MET C 11 17.86 19.40 -40.40
CA MET C 11 19.24 19.10 -40.03
C MET C 11 19.77 18.04 -40.99
N SER C 12 21.01 18.23 -41.44
CA SER C 12 21.60 17.39 -42.47
C SER C 12 23.00 17.02 -42.04
N THR C 13 23.26 15.71 -41.90
CA THR C 13 24.54 15.21 -41.43
C THR C 13 25.02 14.06 -42.30
N SER C 14 26.34 13.91 -42.36
CA SER C 14 26.95 12.82 -43.09
C SER C 14 26.68 11.49 -42.35
N PRO C 15 26.59 10.38 -43.09
CA PRO C 15 26.43 9.08 -42.43
C PRO C 15 27.64 8.71 -41.59
N GLY C 16 27.38 8.02 -40.48
CA GLY C 16 28.42 7.59 -39.57
C GLY C 16 28.86 8.63 -38.56
N GLU C 17 28.19 9.78 -38.51
CA GLU C 17 28.56 10.85 -37.59
C GLU C 17 27.53 10.96 -36.47
N LYS C 18 28.01 11.19 -35.25
CA LYS C 18 27.14 11.27 -34.08
C LYS C 18 26.34 12.57 -34.12
N VAL C 19 25.02 12.45 -34.04
CA VAL C 19 24.11 13.59 -34.13
C VAL C 19 23.28 13.67 -32.86
N THR C 20 22.67 14.82 -32.65
CA THR C 20 21.78 15.03 -31.52
C THR C 20 20.71 16.03 -31.88
N MET C 21 19.57 15.91 -31.21
CA MET C 21 18.44 16.82 -31.39
C MET C 21 17.71 16.95 -30.08
N THR C 22 17.26 18.16 -29.76
CA THR C 22 16.67 18.47 -28.47
C THR C 22 15.16 18.63 -28.59
N CYS C 23 14.50 18.66 -27.43
CA CYS C 23 13.05 18.83 -27.37
C CYS C 23 12.72 19.57 -26.07
N ARG C 24 12.42 20.86 -26.19
CA ARG C 24 12.11 21.68 -25.03
C ARG C 24 10.60 21.76 -24.86
N ALA C 25 10.12 21.46 -23.66
CA ALA C 25 8.69 21.47 -23.35
C ALA C 25 8.36 22.71 -22.54
N SER C 26 7.13 23.22 -22.72
CA SER C 26 6.70 24.39 -21.99
C SER C 26 6.54 24.09 -20.50
N SER C 27 5.85 23.01 -20.17
CA SER C 27 5.68 22.58 -18.79
C SER C 27 6.71 21.51 -18.46
N SER C 28 6.59 20.91 -17.28
CA SER C 28 7.55 19.92 -16.79
C SER C 28 6.98 18.53 -17.01
N VAL C 29 7.64 17.75 -17.85
CA VAL C 29 7.23 16.39 -18.15
C VAL C 29 7.98 15.47 -17.20
N GLY C 30 7.30 14.42 -16.71
CA GLY C 30 7.83 13.56 -15.67
C GLY C 30 8.92 12.60 -16.07
N SER C 31 9.44 12.68 -17.30
CA SER C 31 10.60 11.97 -17.83
C SER C 31 10.39 10.47 -17.99
N SER C 32 9.26 9.95 -17.52
CA SER C 32 8.78 8.64 -17.90
C SER C 32 7.59 8.73 -18.82
N TYR C 33 7.30 9.93 -19.31
CA TYR C 33 6.09 10.22 -20.05
C TYR C 33 6.35 10.86 -21.41
N LEU C 34 7.59 11.24 -21.71
CA LEU C 34 7.91 11.81 -23.01
C LEU C 34 8.59 10.73 -23.85
N HIS C 35 8.04 10.51 -25.04
CA HIS C 35 8.48 9.45 -25.92
C HIS C 35 8.90 10.05 -27.26
N TRP C 36 9.66 9.26 -28.02
CA TRP C 36 10.19 9.68 -29.31
C TRP C 36 9.68 8.74 -30.39
N TYR C 37 9.22 9.33 -31.49
CA TYR C 37 8.63 8.58 -32.60
C TYR C 37 9.43 8.86 -33.86
N GLN C 38 9.70 7.81 -34.63
CA GLN C 38 10.37 7.94 -35.91
C GLN C 38 9.37 7.68 -37.02
N GLN C 39 9.21 8.64 -37.92
CA GLN C 39 8.35 8.50 -39.08
C GLN C 39 9.20 8.62 -40.34
N LYS C 40 9.14 7.59 -41.19
CA LYS C 40 9.91 7.57 -42.42
C LYS C 40 9.24 8.45 -43.46
N SER C 41 9.75 8.42 -44.69
CA SER C 41 9.18 9.20 -45.78
C SER C 41 7.95 8.47 -46.31
N GLY C 42 6.78 9.07 -46.12
CA GLY C 42 5.54 8.49 -46.61
C GLY C 42 5.01 7.32 -45.82
N ALA C 43 5.54 7.07 -44.63
CA ALA C 43 5.11 5.96 -43.80
C ALA C 43 4.48 6.50 -42.51
N SER C 44 3.89 5.59 -41.75
CA SER C 44 3.30 5.92 -40.47
C SER C 44 4.39 6.09 -39.41
N PRO C 45 4.14 6.90 -38.37
CA PRO C 45 5.09 6.97 -37.27
C PRO C 45 5.14 5.66 -36.50
N LYS C 46 6.27 5.43 -35.84
CA LYS C 46 6.43 4.26 -34.99
C LYS C 46 7.22 4.67 -33.77
N LEU C 47 6.93 3.99 -32.65
CA LEU C 47 7.57 4.32 -31.38
C LEU C 47 9.04 3.97 -31.43
N TRP C 48 9.89 4.91 -31.03
CA TRP C 48 11.33 4.73 -31.11
C TRP C 48 11.97 4.68 -29.73
N ILE C 49 11.83 5.75 -28.94
CA ILE C 49 12.28 5.78 -27.55
C ILE C 49 11.08 6.11 -26.68
N TYR C 50 10.86 5.32 -25.64
CA TYR C 50 9.79 5.55 -24.69
C TYR C 50 10.35 5.74 -23.28
N SER C 51 9.67 6.60 -22.51
CA SER C 51 10.12 7.07 -21.20
C SER C 51 11.51 7.69 -21.27
N THR C 52 11.79 8.34 -22.41
CA THR C 52 12.96 9.13 -22.82
C THR C 52 14.29 8.38 -22.77
N SER C 53 14.29 7.13 -22.36
CA SER C 53 15.55 6.37 -22.37
C SER C 53 15.41 5.00 -23.01
N ASN C 54 14.29 4.31 -22.78
CA ASN C 54 14.16 2.92 -23.20
C ASN C 54 13.92 2.84 -24.71
N LEU C 55 14.52 1.84 -25.33
CA LEU C 55 14.45 1.68 -26.77
C LEU C 55 13.35 0.68 -27.10
N ALA C 56 12.52 1.02 -28.08
CA ALA C 56 11.43 0.15 -28.47
C ALA C 56 11.96 -1.06 -29.24
N SER C 57 11.06 -1.99 -29.53
CA SER C 57 11.42 -3.18 -30.28
C SER C 57 11.75 -2.82 -31.72
N GLY C 58 12.87 -3.34 -32.23
CA GLY C 58 13.35 -3.02 -33.55
C GLY C 58 14.17 -1.75 -33.64
N VAL C 59 14.38 -1.06 -32.54
CA VAL C 59 15.23 0.13 -32.51
C VAL C 59 16.65 -0.30 -32.21
N PRO C 60 17.63 0.09 -33.03
CA PRO C 60 19.01 -0.31 -32.77
C PRO C 60 19.58 0.36 -31.52
N ALA C 61 20.56 -0.32 -30.91
CA ALA C 61 21.22 0.18 -29.71
C ALA C 61 22.05 1.43 -29.97
N ARG C 62 22.34 1.74 -31.23
CA ARG C 62 23.04 2.97 -31.59
C ARG C 62 22.16 4.21 -31.41
N PHE C 63 20.85 4.03 -31.23
CA PHE C 63 20.00 5.13 -30.77
C PHE C 63 20.01 5.21 -29.26
N SER C 64 19.88 6.42 -28.74
CA SER C 64 19.80 6.64 -27.30
C SER C 64 18.98 7.89 -27.02
N GLY C 65 18.47 7.96 -25.80
CA GLY C 65 17.74 9.13 -25.37
C GLY C 65 18.19 9.56 -23.99
N SER C 66 18.04 10.85 -23.71
CA SER C 66 18.49 11.43 -22.45
C SER C 66 17.68 12.68 -22.18
N GLY C 67 17.81 13.18 -20.95
CA GLY C 67 17.16 14.39 -20.53
C GLY C 67 15.99 14.10 -19.59
N SER C 68 15.59 15.14 -18.85
CA SER C 68 14.49 15.03 -17.92
C SER C 68 13.93 16.41 -17.64
N GLY C 69 12.65 16.44 -17.27
CA GLY C 69 11.99 17.66 -16.84
C GLY C 69 11.51 18.55 -17.97
N THR C 70 12.44 19.29 -18.58
CA THR C 70 12.11 20.18 -19.70
C THR C 70 12.91 19.84 -20.95
N SER C 71 14.22 19.68 -20.84
CA SER C 71 15.05 19.39 -21.99
C SER C 71 15.19 17.87 -22.15
N TYR C 72 14.90 17.39 -23.36
CA TYR C 72 15.01 15.98 -23.70
C TYR C 72 15.74 15.86 -25.02
N SER C 73 16.50 14.78 -25.20
CA SER C 73 17.35 14.66 -26.37
C SER C 73 17.23 13.27 -26.97
N LEU C 74 17.38 13.20 -28.29
CA LEU C 74 17.57 11.94 -29.01
C LEU C 74 18.99 11.95 -29.55
N THR C 75 19.71 10.84 -29.37
CA THR C 75 21.11 10.77 -29.75
C THR C 75 21.36 9.50 -30.57
N ILE C 76 21.98 9.66 -31.73
CA ILE C 76 22.46 8.55 -32.54
C ILE C 76 23.97 8.52 -32.45
N SER C 77 24.52 7.34 -32.11
CA SER C 77 25.97 7.22 -32.02
C SER C 77 26.61 7.24 -33.41
N SER C 78 26.02 6.53 -34.36
CA SER C 78 26.54 6.47 -35.73
C SER C 78 25.36 6.37 -36.67
N VAL C 79 25.14 7.42 -37.46
CA VAL C 79 24.01 7.46 -38.38
C VAL C 79 24.27 6.54 -39.56
N GLU C 80 23.38 5.58 -39.79
CA GLU C 80 23.42 4.77 -40.99
C GLU C 80 22.45 5.35 -42.01
N ALA C 81 22.43 4.77 -43.21
CA ALA C 81 21.62 5.28 -44.30
C ALA C 81 20.13 5.12 -44.07
N GLU C 82 19.73 4.27 -43.12
CA GLU C 82 18.33 4.01 -42.82
C GLU C 82 17.74 4.98 -41.80
N ASP C 83 18.49 5.99 -41.38
CA ASP C 83 18.03 6.95 -40.40
C ASP C 83 17.44 8.21 -41.00
N ALA C 84 17.25 8.25 -42.32
CA ALA C 84 16.67 9.43 -42.96
C ALA C 84 15.18 9.44 -42.67
N ALA C 85 14.79 10.19 -41.65
CA ALA C 85 13.41 10.20 -41.17
C ALA C 85 13.16 11.48 -40.38
N THR C 86 11.94 11.60 -39.87
CA THR C 86 11.54 12.72 -39.03
C THR C 86 11.25 12.21 -37.62
N TYR C 87 11.78 12.89 -36.62
CA TYR C 87 11.68 12.44 -35.23
C TYR C 87 10.83 13.42 -34.44
N TYR C 88 9.79 12.89 -33.79
CA TYR C 88 8.87 13.69 -32.99
C TYR C 88 8.98 13.28 -31.53
N CYS C 89 9.18 14.27 -30.66
CA CYS C 89 9.01 14.05 -29.23
C CYS C 89 7.57 14.31 -28.85
N GLN C 90 7.14 13.67 -27.76
CA GLN C 90 5.72 13.64 -27.40
C GLN C 90 5.58 13.33 -25.92
N GLN C 91 5.16 14.31 -25.13
CA GLN C 91 4.77 14.02 -23.76
C GLN C 91 3.46 13.26 -23.78
N PHE C 92 3.32 12.30 -22.88
CA PHE C 92 2.11 11.51 -22.92
C PHE C 92 1.56 11.42 -21.51
N SER C 93 1.74 12.52 -20.75
CA SER C 93 1.31 12.64 -19.36
C SER C 93 0.03 13.46 -19.22
N GLY C 94 0.07 14.73 -19.62
CA GLY C 94 -1.08 15.60 -19.46
C GLY C 94 -2.13 15.31 -20.52
N TYR C 95 -3.38 15.20 -20.07
CA TYR C 95 -4.50 14.73 -20.88
C TYR C 95 -4.78 15.51 -22.17
N PRO C 96 -4.37 16.80 -22.35
CA PRO C 96 -4.22 17.29 -23.73
C PRO C 96 -2.87 16.90 -24.31
N LEU C 97 -2.79 15.68 -24.86
CA LEU C 97 -1.52 15.13 -25.33
C LEU C 97 -1.02 15.89 -26.55
N THR C 98 0.26 16.26 -26.53
CA THR C 98 0.85 17.07 -27.58
C THR C 98 2.13 16.41 -28.09
N PHE C 99 2.32 16.45 -29.40
CA PHE C 99 3.57 16.08 -30.03
C PHE C 99 4.47 17.29 -30.18
N GLY C 100 5.74 17.03 -30.48
CA GLY C 100 6.65 18.09 -30.81
C GLY C 100 6.55 18.48 -32.27
N SER C 101 7.44 19.36 -32.68
CA SER C 101 7.55 19.71 -34.09
C SER C 101 8.36 18.65 -34.82
N GLY C 102 8.54 18.83 -36.13
CA GLY C 102 9.35 17.90 -36.87
C GLY C 102 10.83 18.15 -36.67
N THR C 103 11.61 17.08 -36.84
CA THR C 103 13.08 17.18 -36.93
C THR C 103 13.50 16.17 -38.00
N LYS C 104 13.65 16.65 -39.22
CA LYS C 104 13.92 15.79 -40.36
C LYS C 104 15.43 15.59 -40.51
N LEU C 105 15.87 14.34 -40.49
CA LEU C 105 17.27 14.00 -40.66
C LEU C 105 17.46 13.62 -42.12
N GLU C 106 18.34 14.35 -42.82
CA GLU C 106 18.59 14.12 -44.23
C GLU C 106 20.09 13.97 -44.46
N MET C 107 20.44 13.34 -45.57
CA MET C 107 21.83 12.95 -45.83
C MET C 107 22.55 14.04 -46.62
N LYS C 108 23.75 13.72 -47.08
CA LYS C 108 24.53 14.63 -47.93
C LYS C 108 24.65 14.08 -49.35
#